data_8BUZ
#
_entry.id   8BUZ
#
_cell.length_a   1.00
_cell.length_b   1.00
_cell.length_c   1.00
_cell.angle_alpha   90.00
_cell.angle_beta   90.00
_cell.angle_gamma   90.00
#
_symmetry.space_group_name_H-M   'P 1'
#
loop_
_entity.id
_entity.type
_entity.pdbx_description
1 polymer 'Adenylate cyclase type 8'
2 polymer 'Guanine nucleotide-binding protein G(s) subunit alpha isoforms short'
3 non-polymer FORSKOLIN
4 non-polymer "5'-GUANOSINE-DIPHOSPHATE-MONOTHIOPHOSPHATE"
5 non-polymer 'MAGNESIUM ION'
#
loop_
_entity_poly.entity_id
_entity_poly.type
_entity_poly.pdbx_seq_one_letter_code
_entity_poly.pdbx_strand_id
1 'polypeptide(L)'
;MELSDVRCLSGSEELYTIHPTPPAGDSGSGSRPQRLLWQTAVRHITEQRFIHGHRGGGGGGGNGSSSKASDPGGGGPNHH
HASQLSGDSALPLYALGPGERAHGTGGPKVFPERSGSGSASGSGGGGDLGFLHLDCAPSNSDFFLNGGYSYRGVIFPTLR
NSFKSRDLERLYQRYFLGQRRKSEVVMNVLDVLTKLTLLVLHLSLASAPMDPLKGILLGFFTGIEVVICALVVVRKDTTS
HTYLQYSGVVTWVAMTTQILAAGLGYGLLGDGIGYVLFTLFATYSMLPLPLTWAILAGLGTSLMQVVLQAVIPRLAVISI
NQVVAQAVLFMCMNTAGIFISYLSDRAQRQAFLETRRCVEARLRLETENQRQERLVLSVLPRFVVLEMINDMTNVEDEHL
QHQFHRIYIHRYENVSILFADVKGFTNLSTTLSAQELVRMLNELFARFDRLAHEHHCLRIKILGDCYYCVSGLPEPRQDH
AHCCVEMGLSMIKTIRYVRSRTKHDVDMRIGIHSGSVLCGVLGLRKWQFDVWSWDVDIANKLESGGIPGRIHISKATLDC
LNGDYNVEEGHGKERNEFLRKHNIETYLIKQPEESLLSLPEDIVKESVSSSDRRNSGATFTEGSWSPELPFDNIVGKQNT
LAALTRNSINLLPNHLAQALHVQSGPEEINKRIEHTIDLRSGDKLRREHIKPFSLMFKDSSLEHKYSQMRDEVFKSNLVC
AFIVLLFITAIQSLLPSSRVMPMAIQFSILIMLHSALVLITTAEDYKCLPLVLRKTCCWINETYLARNVIIFASILINFL
GAILNILWCDFDKSIPLKNLTFNSSAVFTDICSYPEYFVFTGVLAMVTCAVFLRLNSVLKLAVLLIMIAIYALLTETIYA
GLFLRYDNLNHSGEDFLGTKEASLLLMAMFLLAVFYHGQQLEYTARLDFLWRVQAKEEINEMKELREHNENMLRNILPSH
VARHFLEKDRDNEELYSQSYDAVGVMFASIPGFADFYSQTEMNNQGVECLRLLNEIIADFDELLGEDRFQDIEKIKTIGS
TYMAVSGLSPEKQQCEDKWGHLCALADFSLALTESIQEINKHSFNNFELRIGISHGSVVAGVIGAKKPQYDIWGKTVNLA
SRMDSTGVSGRIQVPEETYLILKDQGFAFDYRGEIYVKGISEQEGKIKTYFLLGRVQPNPFILPPRRLPGQYSLAAVVLG
LVQSLNRQRQKQLLNENNNTGIIKGHYNRRTLLTPSGPEPGAPAEGADKPELP
;
A
2 'polypeptide(L)'
;MGCLGNSKTEDQRNEEKAQREANKKIEKQLQKDKQVYRATHRLLLLGAGESGKSTIVKQMRILHVNGFNGGEGGEEDPNA
AKSNSDGEKATKVQDIKNNLKEAIETIVAAMSNLVPPVELANPENQFRVDYILSVMNVPDFDFPPEFYEHAKALWEDEGV
RACYERSNEYQLIDCAQYFLDKIDVIKQDDYVPSDQDLLRCRVLTSGIFETKFQVDKVNFHMFDVGGQRDERRKWIQCFN
DVTAIIFVVASSSYNMVIREDNQTNRLQEALNLFKSIWNNRWLRTISVILFLNKQDLLAEKVLAGKSKIEDYFPEFARYT
TPEDATPEPGEDPRVTRAKYFIRDEFLRISTASGDGRHYCYPHFTCAVDTENIRRVFNDCRDIIQRMHLRQYELLGGHHH
HHHHH
;
B
#
loop_
_chem_comp.id
_chem_comp.type
_chem_comp.name
_chem_comp.formula
FOK non-polymer FORSKOLIN 'C22 H34 O7'
GSP non-polymer 5'-GUANOSINE-DIPHOSPHATE-MONOTHIOPHOSPHATE 'C10 H16 N5 O13 P3 S'
MG non-polymer 'MAGNESIUM ION' 'Mg 2'
#
# COMPACT_ATOMS: atom_id res chain seq x y z
N SER A 165 -13.23 16.29 37.66
CA SER A 165 -13.66 17.15 36.57
C SER A 165 -15.16 17.35 36.58
N ARG A 166 -15.61 18.41 37.22
CA ARG A 166 -17.05 18.66 37.32
C ARG A 166 -17.66 18.98 35.95
N ASP A 167 -16.88 19.59 35.05
CA ASP A 167 -17.40 19.90 33.73
C ASP A 167 -17.60 18.65 32.90
N LEU A 168 -16.64 17.72 32.94
CA LEU A 168 -16.78 16.48 32.20
C LEU A 168 -17.88 15.60 32.78
N GLU A 169 -17.93 15.47 34.11
CA GLU A 169 -18.95 14.65 34.74
C GLU A 169 -20.35 15.22 34.50
N ARG A 170 -20.49 16.55 34.57
CA ARG A 170 -21.77 17.17 34.20
C ARG A 170 -22.09 16.90 32.75
N LEU A 171 -21.07 16.92 31.88
CA LEU A 171 -21.28 16.56 30.48
C LEU A 171 -21.77 15.12 30.36
N TYR A 172 -21.26 14.22 31.19
CA TYR A 172 -21.77 12.86 31.21
C TYR A 172 -23.24 12.82 31.62
N GLN A 173 -23.61 13.62 32.61
CA GLN A 173 -25.00 13.64 33.07
C GLN A 173 -25.93 14.06 31.95
N ARG A 174 -25.53 15.04 31.14
CA ARG A 174 -26.34 15.43 29.99
C ARG A 174 -26.50 14.27 29.02
N TYR A 175 -25.43 13.52 28.78
CA TYR A 175 -25.53 12.34 27.94
C TYR A 175 -26.31 11.23 28.63
N PHE A 176 -26.05 11.01 29.94
CA PHE A 176 -26.74 9.97 30.67
C PHE A 176 -28.22 10.29 30.84
N LEU A 177 -28.57 11.58 30.89
CA LEU A 177 -29.97 11.96 31.07
C LEU A 177 -30.83 11.51 29.90
N GLY A 178 -30.32 11.64 28.68
CA GLY A 178 -31.11 11.28 27.51
C GLY A 178 -31.42 9.80 27.42
N GLN A 179 -30.42 8.96 27.70
CA GLN A 179 -30.62 7.51 27.58
C GLN A 179 -31.64 7.02 28.59
N ARG A 180 -31.57 7.49 29.83
CA ARG A 180 -32.60 7.15 30.82
C ARG A 180 -33.94 7.80 30.47
N ARG A 181 -33.90 8.94 29.79
CA ARG A 181 -35.15 9.61 29.40
C ARG A 181 -35.91 8.76 28.39
N LYS A 182 -35.20 8.09 27.48
CA LYS A 182 -35.87 7.23 26.51
C LYS A 182 -36.68 6.14 27.19
N SER A 183 -36.27 5.74 28.40
CA SER A 183 -37.02 4.73 29.14
C SER A 183 -38.32 5.27 29.71
N GLU A 184 -38.30 6.51 30.23
CA GLU A 184 -39.51 7.06 30.82
C GLU A 184 -40.52 7.51 29.78
N VAL A 185 -40.12 7.66 28.52
CA VAL A 185 -41.07 8.03 27.47
C VAL A 185 -42.15 6.96 27.35
N VAL A 186 -41.74 5.69 27.35
CA VAL A 186 -42.71 4.61 27.29
C VAL A 186 -43.40 4.38 28.63
N MET A 187 -42.72 4.72 29.73
CA MET A 187 -43.29 4.44 31.05
C MET A 187 -44.39 5.44 31.41
N ASN A 188 -44.20 6.70 31.03
CA ASN A 188 -45.31 7.66 31.10
C ASN A 188 -46.44 7.24 30.19
N VAL A 189 -46.10 6.72 29.00
CA VAL A 189 -47.10 6.12 28.12
C VAL A 189 -47.70 4.89 28.77
N LEU A 190 -46.90 4.13 29.52
CA LEU A 190 -47.43 2.99 30.24
C LEU A 190 -48.43 3.42 31.31
N ASP A 191 -48.13 4.51 32.01
CA ASP A 191 -48.98 4.91 33.14
C ASP A 191 -50.38 5.31 32.71
N VAL A 192 -50.49 6.08 31.63
CA VAL A 192 -51.82 6.54 31.20
C VAL A 192 -52.70 5.35 30.86
N LEU A 193 -52.10 4.27 30.34
CA LEU A 193 -52.86 3.04 30.12
C LEU A 193 -53.35 2.47 31.44
N THR A 194 -52.54 2.57 32.50
CA THR A 194 -52.94 2.01 33.79
C THR A 194 -54.18 2.68 34.35
N LYS A 195 -54.26 4.02 34.24
CA LYS A 195 -55.41 4.73 34.79
C LYS A 195 -56.69 4.37 34.04
N LEU A 196 -56.64 4.38 32.71
CA LEU A 196 -57.84 4.08 31.93
C LEU A 196 -58.29 2.64 32.11
N THR A 197 -57.33 1.70 32.17
CA THR A 197 -57.70 0.30 32.32
C THR A 197 -58.41 0.06 33.65
N LEU A 198 -57.90 0.63 34.73
CA LEU A 198 -58.59 0.54 36.01
C LEU A 198 -59.92 1.27 35.97
N LEU A 199 -59.97 2.42 35.30
CA LEU A 199 -61.22 3.16 35.16
C LEU A 199 -62.25 2.38 34.35
N VAL A 200 -61.80 1.72 33.28
CA VAL A 200 -62.73 1.01 32.40
C VAL A 200 -63.39 -0.15 33.14
N LEU A 201 -62.59 -0.95 33.85
CA LEU A 201 -63.16 -2.11 34.54
C LEU A 201 -64.08 -1.70 35.68
N HIS A 202 -63.79 -0.58 36.34
CA HIS A 202 -64.71 -0.07 37.35
C HIS A 202 -66.03 0.38 36.72
N LEU A 203 -65.96 0.96 35.52
CA LEU A 203 -67.19 1.31 34.81
C LEU A 203 -67.98 0.06 34.44
N SER A 204 -67.29 -0.99 33.99
CA SER A 204 -67.96 -2.20 33.56
C SER A 204 -68.47 -3.04 34.73
N LEU A 205 -67.96 -2.82 35.94
CA LEU A 205 -68.38 -3.62 37.09
C LEU A 205 -69.82 -3.30 37.48
N ALA A 206 -70.15 -2.02 37.57
CA ALA A 206 -71.47 -1.57 37.98
C ALA A 206 -72.16 -0.87 36.82
N SER A 207 -73.44 -1.20 36.60
CA SER A 207 -74.21 -0.55 35.55
C SER A 207 -74.36 0.94 35.83
N ALA A 208 -74.61 1.31 37.09
CA ALA A 208 -74.71 2.71 37.45
C ALA A 208 -73.35 3.39 37.27
N PRO A 209 -73.34 4.65 36.81
CA PRO A 209 -72.06 5.34 36.62
C PRO A 209 -71.32 5.51 37.95
N MET A 210 -70.00 5.54 37.86
CA MET A 210 -69.18 5.67 39.05
C MET A 210 -69.38 7.03 39.71
N ASP A 211 -68.76 7.21 40.86
CA ASP A 211 -68.83 8.50 41.54
C ASP A 211 -68.16 9.56 40.68
N PRO A 212 -68.79 10.71 40.45
CA PRO A 212 -68.11 11.80 39.74
C PRO A 212 -66.86 12.27 40.46
N LEU A 213 -66.79 12.09 41.78
CA LEU A 213 -65.56 12.38 42.50
C LEU A 213 -64.43 11.47 42.06
N LYS A 214 -64.73 10.19 41.79
CA LYS A 214 -63.70 9.25 41.38
C LYS A 214 -63.02 9.69 40.08
N GLY A 215 -63.81 10.17 39.12
CA GLY A 215 -63.28 10.40 37.78
C GLY A 215 -62.37 11.62 37.68
N ILE A 216 -62.52 12.59 38.58
CA ILE A 216 -61.82 13.85 38.39
C ILE A 216 -60.34 13.72 38.72
N LEU A 217 -59.99 13.09 39.85
CA LEU A 217 -58.58 12.98 40.18
C LEU A 217 -57.84 12.10 39.18
N LEU A 218 -58.42 10.95 38.83
CA LEU A 218 -57.80 10.14 37.78
C LEU A 218 -57.73 10.91 36.47
N GLY A 219 -58.72 11.77 36.20
CA GLY A 219 -58.67 12.61 35.02
C GLY A 219 -57.48 13.55 35.04
N PHE A 220 -57.19 14.13 36.20
CA PHE A 220 -55.95 14.90 36.34
C PHE A 220 -54.73 13.99 36.20
N PHE A 221 -54.78 12.80 36.79
CA PHE A 221 -53.64 11.90 36.74
C PHE A 221 -53.46 11.25 35.38
N THR A 222 -54.55 10.88 34.71
CA THR A 222 -54.42 10.33 33.37
C THR A 222 -54.17 11.40 32.31
N GLY A 223 -54.35 12.67 32.66
CA GLY A 223 -54.07 13.75 31.74
C GLY A 223 -52.68 14.31 31.88
N ILE A 224 -52.16 14.32 33.11
CA ILE A 224 -50.81 14.83 33.34
C ILE A 224 -49.78 13.91 32.70
N GLU A 225 -50.03 12.60 32.68
CA GLU A 225 -49.11 11.68 32.02
C GLU A 225 -49.01 11.97 30.53
N VAL A 226 -50.11 12.41 29.91
CA VAL A 226 -50.05 12.88 28.53
C VAL A 226 -49.18 14.13 28.43
N VAL A 227 -49.32 15.04 29.41
CA VAL A 227 -48.55 16.28 29.39
C VAL A 227 -47.06 15.98 29.51
N ILE A 228 -46.68 15.08 30.42
CA ILE A 228 -45.28 14.72 30.57
C ILE A 228 -44.79 14.01 29.31
N CYS A 229 -45.66 13.22 28.68
CA CYS A 229 -45.30 12.58 27.41
C CYS A 229 -45.03 13.62 26.33
N ALA A 230 -45.83 14.68 26.30
CA ALA A 230 -45.62 15.75 25.33
C ALA A 230 -44.58 16.76 25.77
N LEU A 231 -44.09 16.67 27.01
CA LEU A 231 -43.07 17.58 27.52
C LEU A 231 -41.65 17.02 27.39
N VAL A 232 -41.50 15.70 27.42
CA VAL A 232 -40.17 15.11 27.30
C VAL A 232 -39.65 15.25 25.87
N VAL A 233 -40.54 15.17 24.89
CA VAL A 233 -40.11 15.19 23.49
C VAL A 233 -39.50 16.53 23.13
N VAL A 234 -40.12 17.63 23.57
CA VAL A 234 -39.62 18.96 23.21
C VAL A 234 -38.28 19.23 23.90
N ARG A 235 -38.13 18.79 25.15
CA ARG A 235 -36.89 19.03 25.87
C ARG A 235 -35.73 18.25 25.29
N LYS A 236 -35.99 17.03 24.79
CA LYS A 236 -34.94 16.27 24.13
C LYS A 236 -34.42 16.98 22.90
N ASP A 237 -35.32 17.58 22.12
CA ASP A 237 -34.90 18.38 20.98
C ASP A 237 -34.09 19.58 21.42
N THR A 238 -34.48 20.21 22.53
CA THR A 238 -33.74 21.34 23.06
C THR A 238 -32.37 20.89 23.56
N THR A 239 -31.36 21.75 23.38
CA THR A 239 -30.01 21.41 23.80
C THR A 239 -29.94 21.24 25.31
N SER A 240 -30.65 22.07 26.06
CA SER A 240 -30.69 21.93 27.51
C SER A 240 -31.47 20.69 27.90
N HIS A 241 -31.16 20.16 29.09
CA HIS A 241 -31.82 18.97 29.61
C HIS A 241 -32.35 19.21 31.03
N THR A 242 -32.59 20.46 31.40
CA THR A 242 -33.05 20.76 32.76
C THR A 242 -34.44 20.17 33.02
N TYR A 243 -35.32 20.19 32.01
CA TYR A 243 -36.65 19.63 32.21
C TYR A 243 -36.65 18.11 32.23
N LEU A 244 -35.63 17.47 31.64
CA LEU A 244 -35.52 16.02 31.75
C LEU A 244 -35.33 15.59 33.21
N GLN A 245 -34.51 16.34 33.95
CA GLN A 245 -34.43 16.12 35.39
C GLN A 245 -35.77 16.43 36.06
N TYR A 246 -36.43 17.50 35.60
CA TYR A 246 -37.73 17.85 36.16
C TYR A 246 -38.79 16.82 35.80
N SER A 247 -38.71 16.26 34.58
CA SER A 247 -39.73 15.32 34.13
C SER A 247 -39.80 14.09 35.03
N GLY A 248 -38.63 13.62 35.51
CA GLY A 248 -38.63 12.54 36.48
C GLY A 248 -39.32 12.93 37.77
N VAL A 249 -39.10 14.16 38.22
CA VAL A 249 -39.80 14.64 39.42
C VAL A 249 -41.28 14.82 39.14
N VAL A 250 -41.63 15.38 37.97
CA VAL A 250 -43.04 15.58 37.63
C VAL A 250 -43.76 14.25 37.54
N THR A 251 -43.10 13.26 36.94
CA THR A 251 -43.71 11.91 36.83
C THR A 251 -43.83 11.27 38.21
N TRP A 252 -42.74 11.31 39.00
CA TRP A 252 -42.75 10.67 40.33
C TRP A 252 -43.86 11.28 41.19
N VAL A 253 -43.92 12.61 41.25
CA VAL A 253 -44.94 13.27 42.12
C VAL A 253 -46.34 12.86 41.66
N ALA A 254 -46.55 12.77 40.34
CA ALA A 254 -47.88 12.43 39.81
C ALA A 254 -48.32 11.06 40.34
N MET A 255 -47.46 10.05 40.20
CA MET A 255 -47.81 8.67 40.64
C MET A 255 -47.79 8.61 42.16
N THR A 256 -46.86 9.34 42.80
CA THR A 256 -46.78 9.36 44.28
C THR A 256 -48.08 9.97 44.84
N THR A 257 -48.59 11.01 44.19
CA THR A 257 -49.86 11.66 44.63
C THR A 257 -51.00 10.66 44.53
N GLN A 258 -50.98 9.81 43.50
CA GLN A 258 -52.04 8.81 43.33
C GLN A 258 -52.35 8.10 44.64
N ILE A 259 -51.34 7.94 45.50
CA ILE A 259 -51.56 7.29 46.80
C ILE A 259 -52.49 8.13 47.66
N LEU A 260 -52.30 9.45 47.67
CA LEU A 260 -53.18 10.32 48.45
C LEU A 260 -54.61 10.25 47.93
N ALA A 261 -54.77 10.18 46.61
CA ALA A 261 -56.11 10.09 46.04
C ALA A 261 -56.84 8.84 46.51
N ALA A 262 -56.14 7.71 46.57
CA ALA A 262 -56.75 6.49 47.10
C ALA A 262 -56.87 6.54 48.63
N GLY A 263 -55.83 6.99 49.31
CA GLY A 263 -55.82 6.92 50.77
C GLY A 263 -56.86 7.83 51.41
N LEU A 264 -56.95 9.07 50.94
CA LEU A 264 -57.88 10.04 51.54
C LEU A 264 -59.21 10.04 50.81
N GLY A 265 -59.19 10.33 49.51
CA GLY A 265 -60.40 10.31 48.71
C GLY A 265 -60.65 8.94 48.12
N TYR A 266 -61.06 8.90 46.83
CA TYR A 266 -61.26 7.65 46.13
C TYR A 266 -60.05 7.26 45.27
N GLY A 267 -59.67 8.13 44.35
CA GLY A 267 -58.51 7.87 43.51
C GLY A 267 -58.67 6.59 42.70
N LEU A 268 -57.60 5.80 42.67
CA LEU A 268 -57.61 4.51 41.99
C LEU A 268 -57.87 3.44 43.06
N LEU A 269 -59.15 3.10 43.23
CA LEU A 269 -59.53 2.14 44.26
C LEU A 269 -58.98 0.75 44.00
N GLY A 270 -58.60 0.45 42.76
CA GLY A 270 -58.04 -0.85 42.46
C GLY A 270 -56.65 -1.03 43.04
N ASP A 271 -56.23 -2.30 43.09
CA ASP A 271 -54.92 -2.68 43.61
C ASP A 271 -54.72 -2.19 45.03
N GLY A 272 -53.87 -1.19 45.22
CA GLY A 272 -53.55 -0.71 46.55
C GLY A 272 -52.07 -0.78 46.87
N ILE A 273 -51.70 -1.65 47.79
CA ILE A 273 -50.29 -1.81 48.16
C ILE A 273 -49.47 -2.21 46.94
N GLY A 274 -50.02 -3.08 46.09
CA GLY A 274 -49.27 -3.53 44.92
C GLY A 274 -48.94 -2.41 43.96
N TYR A 275 -49.85 -1.44 43.81
CA TYR A 275 -49.58 -0.31 42.93
C TYR A 275 -48.40 0.50 43.45
N VAL A 276 -48.31 0.68 44.77
CA VAL A 276 -47.19 1.42 45.35
C VAL A 276 -45.89 0.66 45.09
N LEU A 277 -45.95 -0.67 45.12
CA LEU A 277 -44.78 -1.48 44.75
C LEU A 277 -44.33 -1.18 43.33
N PHE A 278 -45.28 -0.99 42.42
CA PHE A 278 -44.93 -0.73 41.03
C PHE A 278 -44.21 0.60 40.86
N THR A 279 -44.73 1.66 41.48
CA THR A 279 -44.12 2.99 41.31
C THR A 279 -42.83 3.12 42.09
N LEU A 280 -42.77 2.54 43.29
CA LEU A 280 -41.55 2.64 44.09
C LEU A 280 -40.40 1.89 43.44
N PHE A 281 -40.71 0.81 42.71
CA PHE A 281 -39.70 0.20 41.85
C PHE A 281 -39.39 1.09 40.65
N ALA A 282 -40.42 1.78 40.13
CA ALA A 282 -40.24 2.60 38.94
C ALA A 282 -39.27 3.74 39.19
N THR A 283 -39.35 4.38 40.35
CA THR A 283 -38.50 5.51 40.66
C THR A 283 -37.05 5.13 40.94
N TYR A 284 -36.70 3.84 40.85
CA TYR A 284 -35.30 3.42 40.86
C TYR A 284 -34.86 2.78 39.54
N SER A 285 -35.76 2.60 38.58
CA SER A 285 -35.46 1.81 37.39
C SER A 285 -35.40 2.66 36.12
N MET A 286 -36.43 3.44 35.82
CA MET A 286 -36.50 4.18 34.58
C MET A 286 -36.35 5.68 34.74
N LEU A 287 -36.41 6.21 35.95
CA LEU A 287 -36.39 7.66 36.12
C LEU A 287 -34.99 8.21 35.95
N PRO A 288 -34.78 9.19 35.06
CA PRO A 288 -33.44 9.77 34.88
C PRO A 288 -32.93 10.55 36.08
N LEU A 289 -33.66 10.56 37.19
CA LEU A 289 -33.16 11.17 38.40
C LEU A 289 -31.87 10.46 38.84
N PRO A 290 -30.87 11.19 39.30
CA PRO A 290 -29.63 10.54 39.72
C PRO A 290 -29.82 9.62 40.91
N LEU A 291 -28.77 8.91 41.31
CA LEU A 291 -28.90 7.96 42.41
C LEU A 291 -29.30 8.66 43.70
N THR A 292 -28.72 9.83 43.97
CA THR A 292 -29.07 10.58 45.17
C THR A 292 -30.54 11.00 45.15
N TRP A 293 -31.03 11.43 43.99
CA TRP A 293 -32.45 11.79 43.88
C TRP A 293 -33.36 10.59 44.07
N ALA A 294 -32.93 9.40 43.64
CA ALA A 294 -33.78 8.22 43.72
C ALA A 294 -34.10 7.86 45.16
N ILE A 295 -33.11 7.97 46.06
CA ILE A 295 -33.35 7.63 47.46
C ILE A 295 -34.39 8.55 48.08
N LEU A 296 -34.28 9.85 47.80
CA LEU A 296 -35.29 10.80 48.29
C LEU A 296 -36.65 10.51 47.67
N ALA A 297 -36.68 10.24 46.36
CA ALA A 297 -37.94 9.91 45.72
C ALA A 297 -38.50 8.60 46.24
N GLY A 298 -37.64 7.60 46.44
CA GLY A 298 -38.11 6.33 46.97
C GLY A 298 -38.60 6.43 48.40
N LEU A 299 -37.89 7.17 49.24
CA LEU A 299 -38.30 7.33 50.63
C LEU A 299 -39.59 8.11 50.75
N GLY A 300 -39.84 9.05 49.82
CA GLY A 300 -41.09 9.80 49.86
C GLY A 300 -42.31 8.91 49.72
N THR A 301 -42.25 7.94 48.82
CA THR A 301 -43.35 6.99 48.69
C THR A 301 -43.43 6.07 49.90
N SER A 302 -42.28 5.62 50.42
CA SER A 302 -42.29 4.70 51.54
C SER A 302 -42.83 5.36 52.81
N LEU A 303 -42.37 6.58 53.10
CA LEU A 303 -42.91 7.29 54.27
C LEU A 303 -44.38 7.61 54.10
N MET A 304 -44.83 7.83 52.87
CA MET A 304 -46.23 8.12 52.61
C MET A 304 -47.08 6.86 52.70
N GLN A 305 -46.48 5.70 52.47
CA GLN A 305 -47.17 4.44 52.79
C GLN A 305 -47.47 4.37 54.27
N VAL A 306 -46.58 4.90 55.10
CA VAL A 306 -46.87 5.03 56.53
C VAL A 306 -48.06 5.97 56.73
N VAL A 307 -48.16 7.02 55.92
CA VAL A 307 -49.33 7.89 55.97
C VAL A 307 -50.57 7.13 55.52
N LEU A 308 -50.40 6.22 54.55
CA LEU A 308 -51.54 5.45 54.04
C LEU A 308 -52.16 4.59 55.15
N GLN A 309 -51.32 3.94 55.96
CA GLN A 309 -51.85 3.11 57.03
C GLN A 309 -52.54 3.94 58.11
N ALA A 310 -52.11 5.19 58.31
CA ALA A 310 -52.81 6.07 59.25
C ALA A 310 -54.13 6.56 58.68
N VAL A 311 -54.15 6.94 57.39
CA VAL A 311 -55.38 7.42 56.76
C VAL A 311 -56.32 6.26 56.43
N ILE A 312 -55.84 5.03 56.45
CA ILE A 312 -56.67 3.85 56.24
C ILE A 312 -56.45 2.91 57.42
N PRO A 313 -56.98 3.22 58.60
CA PRO A 313 -56.76 2.33 59.76
C PRO A 313 -57.36 0.95 59.60
N ARG A 314 -58.35 0.80 58.72
CA ARG A 314 -58.96 -0.52 58.51
C ARG A 314 -57.97 -1.50 57.89
N LEU A 315 -56.98 -1.01 57.15
CA LEU A 315 -55.95 -1.88 56.62
C LEU A 315 -55.13 -2.50 57.75
N ALA A 316 -54.82 -1.71 58.78
CA ALA A 316 -54.16 -2.26 59.96
C ALA A 316 -55.08 -3.20 60.73
N VAL A 317 -56.39 -2.97 60.64
CA VAL A 317 -57.34 -3.89 61.26
C VAL A 317 -57.31 -5.25 60.57
N ILE A 318 -57.10 -5.26 59.26
CA ILE A 318 -57.00 -6.51 58.51
C ILE A 318 -55.86 -7.35 59.05
N SER A 319 -54.70 -6.72 59.28
CA SER A 319 -53.52 -7.41 59.78
C SER A 319 -52.92 -6.54 60.88
N ILE A 320 -53.20 -6.89 62.14
CA ILE A 320 -52.66 -6.14 63.26
C ILE A 320 -51.14 -6.20 63.25
N ASN A 321 -50.57 -7.38 63.02
CA ASN A 321 -49.16 -7.53 62.75
C ASN A 321 -48.97 -7.58 61.23
N GLN A 322 -47.75 -7.88 60.79
CA GLN A 322 -47.31 -7.85 59.40
C GLN A 322 -47.27 -6.43 58.84
N VAL A 323 -47.66 -5.42 59.61
CA VAL A 323 -47.49 -4.04 59.16
C VAL A 323 -46.01 -3.70 59.06
N VAL A 324 -45.22 -4.19 60.01
CA VAL A 324 -43.76 -4.09 59.89
C VAL A 324 -43.29 -4.84 58.65
N ALA A 325 -43.87 -6.02 58.40
CA ALA A 325 -43.56 -6.75 57.17
C ALA A 325 -43.95 -5.96 55.94
N GLN A 326 -45.04 -5.21 56.02
CA GLN A 326 -45.43 -4.37 54.90
C GLN A 326 -44.35 -3.34 54.59
N ALA A 327 -43.79 -2.72 55.61
CA ALA A 327 -42.64 -1.84 55.41
C ALA A 327 -41.43 -2.62 54.89
N VAL A 328 -41.24 -3.84 55.39
CA VAL A 328 -40.16 -4.69 54.90
C VAL A 328 -40.37 -4.99 53.43
N LEU A 329 -41.63 -5.22 53.02
CA LEU A 329 -41.92 -5.41 51.60
C LEU A 329 -41.48 -4.21 50.78
N PHE A 330 -41.61 -3.01 51.34
CA PHE A 330 -41.18 -1.80 50.66
C PHE A 330 -39.73 -1.45 50.94
N MET A 331 -39.10 -2.12 51.90
CA MET A 331 -37.69 -1.88 52.17
C MET A 331 -36.78 -2.50 51.11
N CYS A 332 -37.12 -3.72 50.67
CA CYS A 332 -36.28 -4.39 49.68
C CYS A 332 -36.35 -3.74 48.32
N MET A 333 -37.45 -3.05 48.01
CA MET A 333 -37.48 -2.24 46.79
C MET A 333 -36.40 -1.17 46.82
N ASN A 334 -36.23 -0.52 47.96
CA ASN A 334 -35.11 0.42 48.11
C ASN A 334 -33.77 -0.31 48.05
N THR A 335 -33.68 -1.47 48.70
CA THR A 335 -32.42 -2.21 48.71
C THR A 335 -32.07 -2.72 47.31
N ALA A 336 -33.02 -3.35 46.64
CA ALA A 336 -32.77 -3.86 45.29
C ALA A 336 -32.77 -2.75 44.25
N GLY A 337 -33.57 -1.69 44.47
CA GLY A 337 -33.65 -0.63 43.49
C GLY A 337 -32.35 0.15 43.34
N ILE A 338 -31.68 0.46 44.45
CA ILE A 338 -30.41 1.15 44.38
C ILE A 338 -29.37 0.29 43.67
N PHE A 339 -29.48 -1.04 43.80
CA PHE A 339 -28.54 -1.92 43.11
C PHE A 339 -28.65 -1.80 41.61
N ILE A 340 -29.88 -1.74 41.10
CA ILE A 340 -30.07 -1.57 39.66
C ILE A 340 -29.64 -0.18 39.22
N SER A 341 -30.03 0.84 39.98
CA SER A 341 -29.71 2.21 39.59
C SER A 341 -28.21 2.48 39.62
N TYR A 342 -27.52 1.97 40.64
CA TYR A 342 -26.10 2.24 40.77
C TYR A 342 -25.29 1.51 39.71
N LEU A 343 -25.52 0.20 39.54
CA LEU A 343 -24.76 -0.56 38.55
C LEU A 343 -25.06 -0.10 37.13
N SER A 344 -26.32 0.17 36.81
CA SER A 344 -26.66 0.65 35.47
C SER A 344 -26.02 2.01 35.20
N ASP A 345 -26.03 2.91 36.19
CA ASP A 345 -25.35 4.18 36.04
C ASP A 345 -23.84 4.00 35.92
N ARG A 346 -23.27 3.09 36.71
CA ARG A 346 -21.83 2.86 36.66
C ARG A 346 -21.40 2.34 35.30
N ALA A 347 -22.16 1.40 34.73
CA ALA A 347 -21.86 0.91 33.40
C ALA A 347 -21.97 2.00 32.36
N GLN A 348 -22.93 2.92 32.52
CA GLN A 348 -23.04 4.05 31.61
C GLN A 348 -21.84 4.98 31.73
N ARG A 349 -21.27 5.11 32.92
CA ARG A 349 -20.08 5.94 33.08
C ARG A 349 -18.90 5.37 32.30
N GLN A 350 -18.71 4.05 32.35
CA GLN A 350 -17.61 3.43 31.61
C GLN A 350 -17.80 3.60 30.11
N ALA A 351 -19.02 3.44 29.62
CA ALA A 351 -19.29 3.60 28.20
C ALA A 351 -19.00 5.02 27.74
N PHE A 352 -19.43 6.01 28.52
CA PHE A 352 -19.12 7.40 28.19
C PHE A 352 -17.63 7.69 28.31
N LEU A 353 -16.99 7.15 29.36
CA LEU A 353 -15.56 7.35 29.52
C LEU A 353 -14.76 6.72 28.38
N GLU A 354 -15.17 5.52 27.96
CA GLU A 354 -14.45 4.83 26.89
C GLU A 354 -14.62 5.55 25.56
N THR A 355 -15.85 5.92 25.21
CA THR A 355 -16.08 6.62 23.94
C THR A 355 -15.46 8.00 23.93
N ARG A 356 -15.19 8.58 25.10
CA ARG A 356 -14.43 9.82 25.17
C ARG A 356 -12.94 9.58 24.98
N ARG A 357 -12.43 8.44 25.47
CA ARG A 357 -11.02 8.14 25.31
C ARG A 357 -10.69 7.72 23.89
N CYS A 358 -11.57 6.92 23.27
CA CYS A 358 -11.30 6.43 21.92
C CYS A 358 -11.23 7.57 20.91
N VAL A 359 -12.16 8.53 21.01
CA VAL A 359 -12.13 9.66 20.09
C VAL A 359 -10.89 10.52 20.35
N GLU A 360 -10.45 10.61 21.60
CA GLU A 360 -9.23 11.36 21.89
C GLU A 360 -8.02 10.73 21.22
N ALA A 361 -7.92 9.39 21.26
CA ALA A 361 -6.81 8.73 20.59
C ALA A 361 -6.90 8.86 19.08
N ARG A 362 -8.11 8.80 18.53
CA ARG A 362 -8.27 8.91 17.09
C ARG A 362 -7.87 10.30 16.59
N LEU A 363 -8.26 11.35 17.33
CA LEU A 363 -7.88 12.69 16.94
C LEU A 363 -6.38 12.91 17.13
N ARG A 364 -5.81 12.31 18.17
CA ARG A 364 -4.37 12.46 18.39
C ARG A 364 -3.57 11.85 17.25
N LEU A 365 -3.97 10.67 16.78
CA LEU A 365 -3.25 10.00 15.71
C LEU A 365 -3.51 10.61 14.35
N GLU A 366 -4.64 11.30 14.17
CA GLU A 366 -4.94 11.91 12.88
C GLU A 366 -4.11 13.17 12.66
N THR A 367 -3.92 13.98 13.70
CA THR A 367 -3.10 15.17 13.56
C THR A 367 -1.65 14.81 13.25
N GLU A 368 -1.13 13.79 13.93
CA GLU A 368 0.22 13.31 13.62
C GLU A 368 0.30 12.77 12.21
N ASN A 369 -0.72 12.04 11.77
CA ASN A 369 -0.73 11.51 10.40
C ASN A 369 -0.77 12.63 9.38
N GLN A 370 -1.57 13.67 9.63
CA GLN A 370 -1.62 14.78 8.69
C GLN A 370 -0.35 15.62 8.74
N ARG A 371 0.27 15.72 9.91
CA ARG A 371 1.53 16.46 10.01
C ARG A 371 2.67 15.68 9.38
N GLN A 372 2.70 14.36 9.58
CA GLN A 372 3.73 13.53 8.96
C GLN A 372 3.60 13.54 7.44
N GLU A 373 2.38 13.45 6.93
CA GLU A 373 2.17 13.44 5.49
C GLU A 373 2.45 14.79 4.86
N ARG A 374 2.21 15.88 5.59
CA ARG A 374 2.43 17.21 5.04
C ARG A 374 3.91 17.46 4.74
N LEU A 375 4.80 16.77 5.45
CA LEU A 375 6.23 16.92 5.19
C LEU A 375 6.67 16.03 4.03
N VAL A 376 6.09 14.83 3.92
CA VAL A 376 6.41 13.96 2.79
C VAL A 376 5.95 14.61 1.49
N LEU A 377 4.76 15.21 1.49
CA LEU A 377 4.24 15.87 0.29
C LEU A 377 4.94 17.19 0.00
N SER A 378 5.76 17.71 0.91
CA SER A 378 6.50 18.92 0.62
C SER A 378 7.45 18.72 -0.56
N VAL A 379 8.08 17.54 -0.63
CA VAL A 379 8.84 17.12 -1.78
C VAL A 379 8.07 15.98 -2.42
N LEU A 380 8.57 15.44 -3.54
CA LEU A 380 7.96 14.24 -4.12
C LEU A 380 6.50 14.46 -4.46
N PRO A 381 6.19 15.19 -5.53
CA PRO A 381 4.79 15.53 -5.85
C PRO A 381 3.82 14.35 -5.82
N ARG A 382 2.52 14.66 -5.72
CA ARG A 382 1.52 13.65 -5.39
C ARG A 382 1.47 12.54 -6.45
N PHE A 383 1.68 12.90 -7.72
CA PHE A 383 1.51 11.92 -8.78
C PHE A 383 2.59 10.84 -8.81
N VAL A 384 3.55 10.87 -7.88
CA VAL A 384 4.49 9.76 -7.75
C VAL A 384 4.39 9.19 -6.34
N VAL A 385 3.97 10.02 -5.39
CA VAL A 385 3.77 9.52 -4.03
C VAL A 385 2.60 8.54 -4.01
N LEU A 386 1.58 8.76 -4.84
CA LEU A 386 0.48 7.80 -4.94
C LEU A 386 0.98 6.46 -5.46
N GLU A 387 1.85 6.48 -6.48
CA GLU A 387 2.39 5.24 -7.02
C GLU A 387 3.24 4.51 -5.98
N MET A 388 4.07 5.25 -5.24
CA MET A 388 4.85 4.62 -4.19
C MET A 388 3.97 4.02 -3.12
N ILE A 389 2.90 4.73 -2.73
CA ILE A 389 1.97 4.23 -1.72
C ILE A 389 1.30 2.95 -2.19
N ASN A 390 0.84 2.93 -3.44
CA ASN A 390 0.23 1.72 -3.98
C ASN A 390 1.24 0.58 -4.03
N ASP A 391 2.50 0.89 -4.37
CA ASP A 391 3.51 -0.14 -4.46
C ASP A 391 3.81 -0.77 -3.11
N MET A 392 3.91 0.04 -2.04
CA MET A 392 4.29 -0.52 -0.76
C MET A 392 3.17 -1.30 -0.09
N THR A 393 1.92 -1.08 -0.46
CA THR A 393 0.80 -1.79 0.14
C THR A 393 0.71 -3.24 -0.32
N ASN A 394 1.48 -3.64 -1.34
CA ASN A 394 1.39 -4.97 -1.93
C ASN A 394 -0.04 -5.26 -2.39
N VAL A 395 -0.47 -4.47 -3.37
CA VAL A 395 -1.85 -4.52 -3.86
C VAL A 395 -2.19 -5.92 -4.36
N GLU A 396 -1.26 -6.57 -5.05
CA GLU A 396 -1.46 -7.93 -5.51
C GLU A 396 -1.00 -8.91 -4.44
N ASP A 397 -1.17 -10.21 -4.71
CA ASP A 397 -0.79 -11.23 -3.74
C ASP A 397 0.73 -11.23 -3.52
N GLU A 398 1.50 -11.24 -4.59
CA GLU A 398 2.95 -11.23 -4.51
C GLU A 398 3.52 -10.72 -5.82
N HIS A 399 4.77 -10.25 -5.77
CA HIS A 399 5.45 -9.78 -6.96
C HIS A 399 6.71 -10.63 -7.11
N LEU A 400 6.56 -11.95 -7.01
CA LEU A 400 7.71 -12.85 -7.04
C LEU A 400 8.41 -12.88 -8.39
N GLN A 401 7.79 -12.36 -9.45
CA GLN A 401 8.41 -12.30 -10.77
C GLN A 401 8.77 -10.84 -11.05
N HIS A 402 10.02 -10.49 -10.75
CA HIS A 402 10.55 -9.16 -11.07
C HIS A 402 11.95 -9.31 -11.64
N GLN A 403 12.24 -8.56 -12.70
CA GLN A 403 13.57 -8.55 -13.29
C GLN A 403 14.31 -7.23 -13.08
N PHE A 404 13.58 -6.12 -12.98
CA PHE A 404 14.15 -4.81 -12.71
C PHE A 404 13.60 -4.28 -11.40
N HIS A 405 14.37 -3.36 -10.79
CA HIS A 405 13.93 -2.74 -9.54
C HIS A 405 12.77 -1.77 -9.72
N ARG A 406 12.24 -1.66 -10.95
CA ARG A 406 11.11 -0.80 -11.30
C ARG A 406 11.46 0.68 -11.15
N ILE A 407 10.74 1.54 -11.87
CA ILE A 407 10.98 2.97 -11.87
C ILE A 407 9.66 3.69 -11.67
N TYR A 408 9.75 4.96 -11.27
CA TYR A 408 8.59 5.82 -11.09
C TYR A 408 8.67 7.03 -12.00
N ILE A 409 9.10 6.83 -13.24
CA ILE A 409 9.33 7.93 -14.17
C ILE A 409 8.13 8.05 -15.10
N HIS A 410 7.91 9.26 -15.59
CA HIS A 410 6.87 9.55 -16.56
C HIS A 410 7.41 10.55 -17.57
N ARG A 411 6.78 10.60 -18.74
CA ARG A 411 7.17 11.53 -19.79
C ARG A 411 6.14 12.64 -19.88
N TYR A 412 6.62 13.88 -19.99
CA TYR A 412 5.75 15.04 -20.13
C TYR A 412 6.19 15.85 -21.35
N GLU A 413 5.27 16.68 -21.83
CA GLU A 413 5.48 17.47 -23.03
C GLU A 413 5.04 18.91 -22.77
N ASN A 414 5.59 19.83 -23.56
CA ASN A 414 5.27 21.26 -23.48
C ASN A 414 5.64 21.82 -22.10
N VAL A 415 6.88 21.60 -21.70
CA VAL A 415 7.41 22.14 -20.46
C VAL A 415 8.61 23.01 -20.78
N SER A 416 8.99 23.85 -19.83
CA SER A 416 10.13 24.73 -19.98
C SER A 416 11.05 24.59 -18.78
N ILE A 417 12.34 24.70 -19.04
CA ILE A 417 13.37 24.49 -18.02
C ILE A 417 14.21 25.76 -17.89
N LEU A 418 14.37 26.22 -16.66
CA LEU A 418 15.21 27.36 -16.34
C LEU A 418 16.53 26.86 -15.76
N PHE A 419 17.49 27.77 -15.62
CA PHE A 419 18.77 27.45 -15.00
C PHE A 419 19.44 28.74 -14.53
N ALA A 420 20.36 28.61 -13.59
CA ALA A 420 21.07 29.77 -13.05
C ALA A 420 22.31 29.35 -12.29
N ASP A 421 23.45 29.99 -12.59
CA ASP A 421 24.70 29.70 -11.89
C ASP A 421 25.42 31.00 -11.59
N VAL A 422 26.04 31.07 -10.41
CA VAL A 422 26.77 32.25 -9.99
C VAL A 422 28.07 32.32 -10.77
N LYS A 423 28.30 33.45 -11.44
CA LYS A 423 29.49 33.58 -12.29
C LYS A 423 30.77 33.65 -11.45
N GLY A 424 30.74 34.37 -10.34
CA GLY A 424 31.94 34.60 -9.56
C GLY A 424 31.96 33.88 -8.23
N PHE A 425 31.55 32.60 -8.22
CA PHE A 425 31.49 31.86 -6.96
C PHE A 425 32.87 31.70 -6.33
N THR A 426 33.87 31.34 -7.15
CA THR A 426 35.19 31.07 -6.60
C THR A 426 35.87 32.34 -6.09
N ASN A 427 35.61 33.48 -6.73
CA ASN A 427 36.24 34.72 -6.29
C ASN A 427 35.79 35.10 -4.88
N LEU A 428 34.51 34.94 -4.57
CA LEU A 428 33.99 35.27 -3.25
C LEU A 428 34.08 34.11 -2.27
N SER A 429 34.33 32.89 -2.75
CA SER A 429 34.44 31.76 -1.83
C SER A 429 35.67 31.90 -0.94
N THR A 430 36.79 32.36 -1.49
CA THR A 430 37.99 32.53 -0.69
C THR A 430 37.96 33.79 0.16
N THR A 431 37.10 34.75 -0.17
CA THR A 431 37.06 36.00 0.60
C THR A 431 36.49 35.79 1.99
N LEU A 432 35.44 34.99 2.10
CA LEU A 432 34.74 34.78 3.36
C LEU A 432 34.60 33.29 3.63
N SER A 433 34.38 32.96 4.91
CA SER A 433 34.40 31.57 5.35
C SER A 433 33.12 30.85 4.93
N ALA A 434 32.94 29.62 5.42
CA ALA A 434 31.83 28.79 4.95
C ALA A 434 30.49 29.27 5.49
N GLN A 435 30.45 29.70 6.75
CA GLN A 435 29.17 30.03 7.38
C GLN A 435 28.51 31.21 6.70
N GLU A 436 29.25 32.28 6.43
CA GLU A 436 28.69 33.44 5.76
C GLU A 436 28.21 33.07 4.36
N LEU A 437 29.00 32.26 3.65
CA LEU A 437 28.61 31.85 2.30
C LEU A 437 27.31 31.08 2.33
N VAL A 438 27.17 30.15 3.28
CA VAL A 438 25.91 29.40 3.41
C VAL A 438 24.77 30.35 3.73
N ARG A 439 25.02 31.37 4.57
CA ARG A 439 23.96 32.30 4.93
C ARG A 439 23.46 33.08 3.72
N MET A 440 24.37 33.66 2.93
CA MET A 440 23.95 34.39 1.74
C MET A 440 23.27 33.46 0.74
N LEU A 441 23.81 32.25 0.56
CA LEU A 441 23.21 31.30 -0.36
C LEU A 441 21.78 30.98 0.05
N ASN A 442 21.55 30.72 1.33
CA ASN A 442 20.21 30.42 1.81
C ASN A 442 19.28 31.61 1.63
N GLU A 443 19.75 32.82 1.95
CA GLU A 443 18.89 33.99 1.81
C GLU A 443 18.43 34.14 0.36
N LEU A 444 19.39 34.09 -0.57
CA LEU A 444 19.06 34.23 -1.99
C LEU A 444 18.12 33.12 -2.44
N PHE A 445 18.40 31.87 -2.06
CA PHE A 445 17.62 30.75 -2.57
C PHE A 445 16.24 30.66 -1.91
N ALA A 446 16.09 31.13 -0.67
CA ALA A 446 14.77 31.18 -0.06
C ALA A 446 13.90 32.26 -0.70
N ARG A 447 14.48 33.45 -0.92
CA ARG A 447 13.75 34.44 -1.70
C ARG A 447 13.39 33.89 -3.07
N PHE A 448 14.28 33.07 -3.64
CA PHE A 448 14.02 32.51 -4.96
C PHE A 448 12.91 31.47 -4.92
N ASP A 449 12.83 30.69 -3.85
CA ASP A 449 11.73 29.75 -3.67
C ASP A 449 10.41 30.49 -3.55
N ARG A 450 10.40 31.62 -2.82
CA ARG A 450 9.20 32.43 -2.75
C ARG A 450 8.81 32.95 -4.14
N LEU A 451 9.80 33.39 -4.91
CA LEU A 451 9.52 33.85 -6.27
C LEU A 451 8.96 32.72 -7.14
N ALA A 452 9.52 31.52 -7.00
CA ALA A 452 9.05 30.37 -7.79
C ALA A 452 7.61 30.02 -7.42
N HIS A 453 7.28 30.06 -6.13
CA HIS A 453 5.89 29.86 -5.73
C HIS A 453 4.99 30.93 -6.34
N GLU A 454 5.46 32.18 -6.36
CA GLU A 454 4.65 33.26 -6.91
C GLU A 454 4.42 33.07 -8.41
N HIS A 455 5.42 32.56 -9.13
CA HIS A 455 5.39 32.51 -10.59
C HIS A 455 5.13 31.11 -11.13
N HIS A 456 4.59 30.21 -10.31
CA HIS A 456 4.10 28.89 -10.71
C HIS A 456 5.21 27.92 -11.11
N CYS A 457 6.46 28.20 -10.74
CA CYS A 457 7.49 27.18 -10.89
C CYS A 457 7.34 26.08 -9.84
N LEU A 458 8.22 25.10 -9.94
CA LEU A 458 8.49 24.18 -8.84
C LEU A 458 9.95 23.77 -8.97
N ARG A 459 10.76 24.11 -7.98
CA ARG A 459 12.18 23.85 -8.08
C ARG A 459 12.46 22.36 -7.99
N ILE A 460 13.47 21.92 -8.74
CA ILE A 460 13.83 20.51 -8.77
C ILE A 460 14.94 20.20 -7.79
N LYS A 461 16.06 20.93 -7.86
CA LYS A 461 17.17 20.69 -6.95
C LYS A 461 18.04 21.93 -6.90
N ILE A 462 18.86 22.00 -5.87
CA ILE A 462 19.88 23.04 -5.70
C ILE A 462 21.22 22.34 -5.54
N LEU A 463 22.06 22.44 -6.56
CA LEU A 463 23.38 21.83 -6.56
C LEU A 463 24.42 22.93 -6.62
N GLY A 464 25.30 22.99 -5.62
CA GLY A 464 26.29 24.04 -5.55
C GLY A 464 25.67 25.42 -5.54
N ASP A 465 25.82 26.13 -6.65
CA ASP A 465 25.20 27.44 -6.80
C ASP A 465 24.27 27.44 -8.01
N CYS A 466 23.46 26.40 -8.15
CA CYS A 466 22.59 26.23 -9.31
C CYS A 466 21.16 26.02 -8.85
N TYR A 467 20.22 26.51 -9.67
CA TYR A 467 18.80 26.48 -9.35
C TYR A 467 18.01 26.40 -10.65
N TYR A 468 17.08 25.46 -10.74
CA TYR A 468 16.37 25.27 -12.00
C TYR A 468 14.92 24.83 -11.78
N CYS A 469 14.01 25.43 -12.55
CA CYS A 469 12.59 25.12 -12.54
C CYS A 469 12.25 23.96 -13.47
N VAL A 470 10.98 23.57 -13.43
CA VAL A 470 10.29 22.89 -14.52
C VAL A 470 8.93 23.54 -14.64
N SER A 471 8.55 23.93 -15.86
CA SER A 471 7.35 24.72 -16.09
C SER A 471 6.18 23.80 -16.42
N GLY A 472 5.15 23.84 -15.59
CA GLY A 472 3.94 23.07 -15.86
C GLY A 472 4.17 21.58 -15.95
N LEU A 473 4.95 21.03 -15.03
CA LEU A 473 5.27 19.61 -15.08
C LEU A 473 4.11 18.75 -14.60
N PRO A 474 3.56 18.95 -13.39
CA PRO A 474 2.47 18.07 -12.96
C PRO A 474 1.15 18.39 -13.65
N GLU A 475 0.93 19.64 -14.03
CA GLU A 475 -0.28 20.04 -14.73
C GLU A 475 0.08 20.88 -15.94
N PRO A 476 -0.66 20.77 -17.04
CA PRO A 476 -0.31 21.50 -18.25
C PRO A 476 -0.82 22.93 -18.22
N ARG A 477 -0.10 23.79 -18.94
CA ARG A 477 -0.47 25.18 -19.10
C ARG A 477 -0.25 25.61 -20.54
N GLN A 478 -1.18 26.39 -21.07
CA GLN A 478 -1.03 26.89 -22.44
C GLN A 478 0.19 27.79 -22.56
N ASP A 479 0.38 28.68 -21.60
CA ASP A 479 1.57 29.54 -21.55
C ASP A 479 2.50 28.98 -20.48
N HIS A 480 3.27 27.96 -20.86
CA HIS A 480 4.18 27.33 -19.91
C HIS A 480 5.52 28.05 -19.83
N ALA A 481 6.07 28.49 -20.96
CA ALA A 481 7.32 29.23 -20.95
C ALA A 481 7.15 30.67 -20.49
N HIS A 482 5.93 31.20 -20.53
CA HIS A 482 5.70 32.54 -20.02
C HIS A 482 6.03 32.64 -18.54
N CYS A 483 5.63 31.62 -17.76
CA CYS A 483 5.96 31.62 -16.34
C CYS A 483 7.47 31.59 -16.11
N CYS A 484 8.18 30.77 -16.91
CA CYS A 484 9.63 30.70 -16.76
C CYS A 484 10.29 32.04 -17.08
N VAL A 485 9.87 32.70 -18.17
CA VAL A 485 10.50 33.96 -18.54
C VAL A 485 10.14 35.05 -17.52
N GLU A 486 8.92 35.04 -17.00
CA GLU A 486 8.54 36.01 -15.97
C GLU A 486 9.37 35.81 -14.71
N MET A 487 9.54 34.56 -14.28
CA MET A 487 10.29 34.39 -13.05
C MET A 487 11.78 34.62 -13.30
N GLY A 488 12.24 34.45 -14.54
CA GLY A 488 13.61 34.83 -14.86
C GLY A 488 13.83 36.32 -14.77
N LEU A 489 12.87 37.11 -15.25
CA LEU A 489 12.92 38.54 -15.00
C LEU A 489 12.94 38.83 -13.50
N SER A 490 12.15 38.07 -12.73
CA SER A 490 12.19 38.22 -11.29
C SER A 490 13.55 37.85 -10.71
N MET A 491 14.20 36.83 -11.29
CA MET A 491 15.56 36.46 -10.91
C MET A 491 16.49 37.65 -11.06
N ILE A 492 16.42 38.29 -12.23
CA ILE A 492 17.28 39.44 -12.50
C ILE A 492 16.98 40.55 -11.50
N LYS A 493 15.69 40.82 -11.25
CA LYS A 493 15.32 41.89 -10.33
C LYS A 493 15.81 41.62 -8.91
N THR A 494 15.70 40.37 -8.45
CA THR A 494 16.16 40.03 -7.11
C THR A 494 17.68 40.13 -7.01
N ILE A 495 18.38 39.75 -8.07
CA ILE A 495 19.84 39.91 -8.08
C ILE A 495 20.21 41.38 -7.99
N ARG A 496 19.50 42.24 -8.73
CA ARG A 496 19.73 43.68 -8.60
C ARG A 496 19.42 44.16 -7.18
N TYR A 497 18.37 43.63 -6.56
CA TYR A 497 18.02 44.05 -5.21
C TYR A 497 19.11 43.67 -4.22
N VAL A 498 19.62 42.44 -4.30
CA VAL A 498 20.67 42.03 -3.38
C VAL A 498 22.00 42.69 -3.73
N ARG A 499 22.13 43.22 -4.96
CA ARG A 499 23.30 44.00 -5.31
C ARG A 499 23.41 45.28 -4.47
N SER A 500 22.33 45.69 -3.81
CA SER A 500 22.36 46.84 -2.94
C SER A 500 23.26 46.57 -1.74
N ARG A 501 23.50 47.63 -0.96
CA ARG A 501 24.36 47.59 0.22
C ARG A 501 25.81 47.28 -0.13
N THR A 502 26.18 47.44 -1.40
CA THR A 502 27.53 47.25 -1.96
C THR A 502 28.25 46.05 -1.34
N LYS A 503 27.54 44.94 -1.17
CA LYS A 503 28.11 43.79 -0.49
C LYS A 503 29.03 42.97 -1.39
N HIS A 504 28.50 42.44 -2.49
CA HIS A 504 29.27 41.53 -3.33
C HIS A 504 28.85 41.72 -4.78
N ASP A 505 29.26 40.79 -5.64
CA ASP A 505 29.02 40.84 -7.08
C ASP A 505 28.54 39.47 -7.57
N VAL A 506 27.56 38.90 -6.88
CA VAL A 506 27.16 37.50 -7.07
C VAL A 506 26.22 37.34 -8.26
N ASP A 507 26.13 38.37 -9.12
CA ASP A 507 25.30 38.31 -10.31
C ASP A 507 25.50 37.00 -11.07
N MET A 508 24.42 36.49 -11.64
CA MET A 508 24.38 35.17 -12.27
C MET A 508 23.90 35.30 -13.71
N ARG A 509 23.76 34.15 -14.37
CA ARG A 509 23.29 34.05 -15.74
C ARG A 509 22.16 33.03 -15.82
N ILE A 510 21.19 33.29 -16.69
CA ILE A 510 19.95 32.50 -16.76
C ILE A 510 19.80 31.95 -18.17
N GLY A 511 19.48 30.68 -18.28
CA GLY A 511 19.18 30.06 -19.56
C GLY A 511 17.87 29.30 -19.50
N ILE A 512 17.05 29.48 -20.53
CA ILE A 512 15.72 28.90 -20.59
C ILE A 512 15.55 28.14 -21.89
N HIS A 513 14.94 26.95 -21.82
CA HIS A 513 14.63 26.15 -22.98
C HIS A 513 13.34 25.38 -22.71
N SER A 514 12.63 25.05 -23.78
CA SER A 514 11.36 24.33 -23.67
C SER A 514 11.43 23.04 -24.48
N GLY A 515 10.82 21.98 -23.94
CA GLY A 515 10.80 20.71 -24.61
C GLY A 515 10.10 19.61 -23.83
N SER A 516 10.61 18.39 -23.90
CA SER A 516 10.04 17.24 -23.22
C SER A 516 11.01 16.71 -22.19
N VAL A 517 10.49 16.33 -21.03
CA VAL A 517 11.31 15.87 -19.92
C VAL A 517 10.76 14.54 -19.40
N LEU A 518 11.64 13.78 -18.77
CA LEU A 518 11.28 12.54 -18.10
C LEU A 518 11.44 12.76 -16.60
N CYS A 519 10.33 12.80 -15.88
CA CYS A 519 10.32 13.14 -14.46
C CYS A 519 10.05 11.89 -13.63
N GLY A 520 10.78 11.76 -12.53
CA GLY A 520 10.63 10.60 -11.66
C GLY A 520 11.74 10.56 -10.63
N VAL A 521 11.87 9.41 -10.00
CA VAL A 521 12.91 9.19 -8.99
C VAL A 521 13.69 7.93 -9.34
N LEU A 522 14.93 7.87 -8.88
CA LEU A 522 15.81 6.74 -9.10
C LEU A 522 16.45 6.32 -7.77
N GLY A 523 16.79 5.04 -7.69
CA GLY A 523 17.45 4.52 -6.51
C GLY A 523 16.49 4.09 -5.43
N LEU A 524 17.07 3.58 -4.34
CA LEU A 524 16.31 3.06 -3.22
C LEU A 524 16.41 3.91 -1.96
N ARG A 525 17.41 4.79 -1.86
CA ARG A 525 17.61 5.62 -0.70
C ARG A 525 17.69 7.08 -1.12
N LYS A 526 17.21 7.96 -0.25
CA LYS A 526 17.22 9.40 -0.48
C LYS A 526 16.59 9.75 -1.82
N TRP A 527 15.35 9.31 -2.01
CA TRP A 527 14.62 9.62 -3.23
C TRP A 527 14.48 11.12 -3.38
N GLN A 528 14.73 11.61 -4.59
CA GLN A 528 14.60 13.03 -4.89
C GLN A 528 14.02 13.19 -6.29
N PHE A 529 13.11 14.15 -6.43
CA PHE A 529 12.48 14.40 -7.72
C PHE A 529 13.46 15.08 -8.66
N ASP A 530 13.58 14.55 -9.87
CA ASP A 530 14.54 15.03 -10.85
C ASP A 530 13.92 14.97 -12.24
N VAL A 531 14.63 15.52 -13.22
CA VAL A 531 14.21 15.48 -14.61
C VAL A 531 15.41 15.16 -15.48
N TRP A 532 15.26 14.18 -16.37
CA TRP A 532 16.31 13.79 -17.30
C TRP A 532 15.76 13.82 -18.71
N SER A 533 16.51 14.42 -19.63
CA SER A 533 16.17 14.45 -21.04
C SER A 533 17.32 15.08 -21.79
N TRP A 534 17.19 15.14 -23.12
CA TRP A 534 18.15 15.91 -23.92
C TRP A 534 17.87 17.40 -23.84
N ASP A 535 16.61 17.80 -23.68
CA ASP A 535 16.27 19.21 -23.69
C ASP A 535 16.72 19.93 -22.43
N VAL A 536 16.71 19.24 -21.28
CA VAL A 536 17.28 19.85 -20.08
C VAL A 536 18.78 20.05 -20.24
N ASP A 537 19.45 19.18 -20.99
CA ASP A 537 20.85 19.41 -21.31
C ASP A 537 21.02 20.65 -22.19
N ILE A 538 20.08 20.87 -23.12
CA ILE A 538 20.13 22.09 -23.92
C ILE A 538 19.96 23.32 -23.04
N ALA A 539 19.04 23.25 -22.07
CA ALA A 539 18.87 24.37 -21.14
C ALA A 539 20.12 24.60 -20.31
N ASN A 540 20.76 23.52 -19.85
CA ASN A 540 21.99 23.65 -19.09
C ASN A 540 23.08 24.31 -19.92
N LYS A 541 23.21 23.91 -21.19
CA LYS A 541 24.22 24.53 -22.05
C LYS A 541 23.89 25.99 -22.34
N LEU A 542 22.61 26.29 -22.50
CA LEU A 542 22.20 27.68 -22.73
C LEU A 542 22.56 28.55 -21.53
N GLU A 543 22.33 28.04 -20.32
CA GLU A 543 22.77 28.76 -19.13
C GLU A 543 24.29 28.89 -19.09
N SER A 544 25.00 27.82 -19.43
CA SER A 544 26.46 27.85 -19.43
C SER A 544 27.03 28.73 -20.53
N GLY A 545 26.20 29.18 -21.47
CA GLY A 545 26.63 30.09 -22.52
C GLY A 545 27.37 31.30 -21.99
N GLY A 546 26.67 32.17 -21.27
CA GLY A 546 27.33 33.32 -20.66
C GLY A 546 26.51 34.59 -20.65
N ILE A 547 27.20 35.73 -20.70
CA ILE A 547 26.58 37.05 -20.58
C ILE A 547 25.72 37.11 -19.32
N PRO A 548 26.32 37.16 -18.14
CA PRO A 548 25.52 37.19 -16.92
C PRO A 548 24.62 38.42 -16.87
N GLY A 549 23.42 38.23 -16.32
CA GLY A 549 22.42 39.26 -16.30
C GLY A 549 21.46 39.26 -17.47
N ARG A 550 21.61 38.31 -18.40
CA ARG A 550 20.74 38.22 -19.57
C ARG A 550 20.26 36.78 -19.73
N ILE A 551 19.10 36.63 -20.34
CA ILE A 551 18.46 35.33 -20.50
C ILE A 551 18.77 34.80 -21.90
N HIS A 552 18.55 33.50 -22.09
CA HIS A 552 18.70 32.84 -23.37
C HIS A 552 17.35 32.29 -23.80
N ILE A 553 16.91 32.67 -25.01
CA ILE A 553 15.55 32.42 -25.46
C ILE A 553 15.57 31.63 -26.76
N SER A 554 16.50 30.68 -26.86
CA SER A 554 16.79 29.97 -28.11
C SER A 554 15.52 29.49 -28.81
N LYS A 555 15.62 29.34 -30.12
CA LYS A 555 14.51 29.21 -31.07
C LYS A 555 13.36 28.34 -30.59
N ALA A 556 13.66 27.28 -29.82
CA ALA A 556 12.60 26.43 -29.30
C ALA A 556 11.70 27.16 -28.33
N THR A 557 12.11 28.32 -27.82
CA THR A 557 11.31 29.10 -26.88
C THR A 557 10.82 30.42 -27.43
N LEU A 558 11.59 31.08 -28.31
CA LEU A 558 11.13 32.35 -28.86
C LEU A 558 9.86 32.17 -29.67
N ASP A 559 9.79 31.11 -30.49
CA ASP A 559 8.55 30.79 -31.18
C ASP A 559 7.46 30.27 -30.25
N CYS A 560 7.81 29.96 -29.00
CA CYS A 560 6.82 29.44 -28.06
C CYS A 560 6.01 30.55 -27.42
N LEU A 561 6.68 31.54 -26.83
CA LEU A 561 5.98 32.58 -26.09
C LEU A 561 5.05 33.38 -27.00
N ASN A 562 5.62 34.18 -27.88
CA ASN A 562 4.92 35.02 -28.84
C ASN A 562 5.97 35.79 -29.61
N GLY A 563 5.53 36.53 -30.62
CA GLY A 563 6.38 37.50 -31.28
C GLY A 563 6.37 38.86 -30.65
N ASP A 564 5.67 39.01 -29.51
CA ASP A 564 5.47 40.32 -28.89
C ASP A 564 6.64 40.78 -28.03
N TYR A 565 7.60 39.91 -27.74
CA TYR A 565 8.75 40.25 -26.93
C TYR A 565 9.96 40.49 -27.82
N ASN A 566 10.68 41.57 -27.57
CA ASN A 566 11.85 41.92 -28.36
C ASN A 566 13.10 41.42 -27.66
N VAL A 567 13.87 40.57 -28.35
CA VAL A 567 15.12 40.02 -27.83
C VAL A 567 16.21 40.24 -28.87
N GLU A 568 17.45 40.31 -28.39
CA GLU A 568 18.60 40.61 -29.24
C GLU A 568 18.96 39.39 -30.09
N GLU A 569 20.09 39.47 -30.79
CA GLU A 569 20.52 38.43 -31.72
C GLU A 569 20.98 37.16 -31.02
N GLY A 570 21.14 37.17 -29.71
CA GLY A 570 21.64 36.01 -29.01
C GLY A 570 23.15 35.96 -29.02
N HIS A 571 23.68 34.86 -28.47
CA HIS A 571 25.12 34.70 -28.35
C HIS A 571 25.78 34.62 -29.72
N GLY A 572 26.92 35.27 -29.86
CA GLY A 572 27.72 35.12 -31.06
C GLY A 572 28.38 33.77 -31.13
N LYS A 573 29.35 33.54 -30.25
CA LYS A 573 29.97 32.22 -30.12
C LYS A 573 30.61 32.13 -28.75
N GLU A 574 30.02 31.35 -27.85
CA GLU A 574 30.56 31.19 -26.50
C GLU A 574 30.68 29.72 -26.13
N ARG A 575 29.74 28.91 -26.59
CA ARG A 575 29.71 27.48 -26.33
C ARG A 575 30.06 26.72 -27.61
N ASN A 576 30.46 25.46 -27.44
CA ASN A 576 30.85 24.63 -28.57
C ASN A 576 29.75 24.57 -29.62
N GLU A 577 30.13 24.76 -30.88
CA GLU A 577 29.17 24.88 -31.98
C GLU A 577 28.76 23.50 -32.49
N PHE A 578 28.17 22.72 -31.59
CA PHE A 578 27.68 21.38 -31.89
C PHE A 578 26.16 21.37 -31.81
N LEU A 579 25.54 20.53 -32.65
CA LEU A 579 24.11 20.28 -32.70
C LEU A 579 23.30 21.49 -33.18
N ARG A 580 23.94 22.62 -33.47
CA ARG A 580 23.27 23.81 -34.02
C ARG A 580 22.11 24.24 -33.12
N LYS A 581 22.48 24.69 -31.91
CA LYS A 581 21.48 25.11 -30.94
C LYS A 581 20.55 26.18 -31.50
N HIS A 582 21.07 27.06 -32.36
CA HIS A 582 20.31 28.13 -33.00
C HIS A 582 19.71 29.07 -31.95
N ASN A 583 20.60 29.69 -31.18
CA ASN A 583 20.18 30.67 -30.18
C ASN A 583 19.56 31.88 -30.85
N ILE A 584 18.61 32.50 -30.16
CA ILE A 584 17.95 33.70 -30.65
C ILE A 584 17.37 34.50 -29.50
N LYS A 671 -17.50 17.47 23.73
CA LYS A 671 -18.03 18.68 23.11
C LYS A 671 -19.15 18.34 22.14
N ARG A 672 -19.45 19.28 21.24
CA ARG A 672 -20.52 19.07 20.26
C ARG A 672 -20.20 17.91 19.32
N ILE A 673 -18.90 17.63 19.09
CA ILE A 673 -18.54 16.47 18.30
C ILE A 673 -18.97 15.19 19.01
N GLU A 674 -18.68 15.09 20.31
CA GLU A 674 -19.06 13.90 21.06
C GLU A 674 -20.56 13.69 21.12
N HIS A 675 -21.34 14.77 21.17
CA HIS A 675 -22.79 14.64 21.08
C HIS A 675 -23.21 14.09 19.72
N THR A 676 -22.63 14.64 18.65
CA THR A 676 -22.86 14.08 17.32
C THR A 676 -22.19 12.72 17.17
N ILE A 677 -21.13 12.48 17.95
CA ILE A 677 -20.54 11.14 17.99
C ILE A 677 -21.56 10.14 18.54
N ASP A 678 -22.25 10.53 19.62
CA ASP A 678 -23.30 9.67 20.18
C ASP A 678 -24.55 9.67 19.31
N LEU A 679 -24.94 10.85 18.79
CA LEU A 679 -26.17 10.94 18.00
C LEU A 679 -26.08 10.12 16.72
N ARG A 680 -24.94 10.19 16.03
CA ARG A 680 -24.80 9.45 14.79
C ARG A 680 -24.74 7.94 15.02
N SER A 681 -24.39 7.51 16.23
CA SER A 681 -24.44 6.08 16.54
C SER A 681 -25.86 5.55 16.47
N GLY A 682 -26.78 6.19 17.17
CA GLY A 682 -28.17 5.79 17.11
C GLY A 682 -28.82 6.04 15.76
N ASP A 683 -28.49 7.17 15.14
CA ASP A 683 -29.11 7.54 13.87
C ASP A 683 -28.78 6.52 12.78
N LYS A 684 -27.51 6.14 12.68
CA LYS A 684 -27.12 5.13 11.69
C LYS A 684 -27.73 3.78 12.02
N LEU A 685 -27.79 3.42 13.30
CA LEU A 685 -28.22 2.10 13.75
C LEU A 685 -29.72 2.03 13.98
N ARG A 686 -30.48 3.01 13.51
CA ARG A 686 -31.94 2.91 13.61
C ARG A 686 -32.45 1.71 12.86
N ARG A 687 -31.93 1.47 11.65
CA ARG A 687 -32.18 0.24 10.89
C ARG A 687 -30.87 -0.18 10.24
N GLU A 688 -30.10 -0.98 10.96
CA GLU A 688 -28.80 -1.46 10.50
C GLU A 688 -28.55 -2.82 11.14
N HIS A 689 -27.28 -3.22 11.22
CA HIS A 689 -26.85 -4.55 11.64
C HIS A 689 -27.64 -5.12 12.82
N ILE A 690 -28.06 -4.27 13.76
CA ILE A 690 -28.82 -4.74 14.91
C ILE A 690 -30.25 -5.06 14.50
N LYS A 691 -30.80 -6.13 15.06
CA LYS A 691 -32.18 -6.49 14.77
C LYS A 691 -33.12 -5.40 15.26
N PRO A 692 -34.19 -5.09 14.51
CA PRO A 692 -35.08 -3.99 14.92
C PRO A 692 -35.69 -4.18 16.31
N PHE A 693 -36.01 -5.41 16.70
CA PHE A 693 -36.61 -5.66 18.00
C PHE A 693 -35.75 -6.56 18.88
N SER A 694 -35.22 -7.65 18.32
CA SER A 694 -34.37 -8.55 19.09
C SER A 694 -32.98 -7.97 19.35
N LEU A 695 -32.62 -6.87 18.67
CA LEU A 695 -31.35 -6.18 18.92
C LEU A 695 -30.15 -7.09 18.71
N MET A 696 -30.26 -8.00 17.74
CA MET A 696 -29.25 -9.01 17.47
C MET A 696 -28.45 -8.62 16.23
N PHE A 697 -27.12 -8.74 16.33
CA PHE A 697 -26.29 -8.47 15.16
C PHE A 697 -26.52 -9.50 14.07
N LYS A 698 -26.44 -9.04 12.81
CA LYS A 698 -26.58 -9.95 11.68
C LYS A 698 -25.46 -10.97 11.65
N ASP A 699 -24.23 -10.53 11.89
CA ASP A 699 -23.09 -11.44 11.89
C ASP A 699 -23.12 -12.32 13.12
N SER A 700 -22.94 -13.64 12.93
CA SER A 700 -22.89 -14.56 14.06
C SER A 700 -21.66 -14.30 14.92
N SER A 701 -20.52 -14.00 14.29
CA SER A 701 -19.30 -13.77 15.05
C SER A 701 -19.42 -12.53 15.92
N LEU A 702 -20.04 -11.47 15.40
CA LEU A 702 -20.18 -10.24 16.18
C LEU A 702 -20.95 -10.47 17.46
N GLU A 703 -22.04 -11.25 17.39
CA GLU A 703 -22.78 -11.59 18.60
C GLU A 703 -21.95 -12.52 19.47
N HIS A 704 -21.24 -13.47 18.86
CA HIS A 704 -20.43 -14.40 19.64
C HIS A 704 -19.31 -13.68 20.38
N LYS A 705 -18.63 -12.74 19.73
CA LYS A 705 -17.58 -12.00 20.40
C LYS A 705 -18.14 -11.04 21.44
N TYR A 706 -19.43 -10.75 21.39
CA TYR A 706 -20.06 -10.03 22.49
C TYR A 706 -20.30 -10.98 23.67
N SER A 707 -20.71 -12.21 23.37
CA SER A 707 -21.03 -13.16 24.43
C SER A 707 -19.81 -13.54 25.25
N GLN A 708 -18.61 -13.49 24.66
CA GLN A 708 -17.40 -13.85 25.39
C GLN A 708 -17.00 -12.81 26.41
N MET A 709 -17.50 -11.58 26.29
CA MET A 709 -17.20 -10.54 27.26
C MET A 709 -17.76 -10.94 28.62
N ARG A 710 -16.94 -10.83 29.66
CA ARG A 710 -17.32 -11.28 30.98
C ARG A 710 -18.17 -10.22 31.69
N ASP A 711 -19.08 -10.69 32.54
CA ASP A 711 -19.91 -9.82 33.37
C ASP A 711 -19.09 -9.40 34.58
N GLU A 712 -18.62 -8.16 34.58
CA GLU A 712 -17.78 -7.67 35.67
C GLU A 712 -18.55 -7.50 36.97
N VAL A 713 -19.88 -7.45 36.91
CA VAL A 713 -20.71 -7.31 38.10
C VAL A 713 -21.52 -8.58 38.35
N PHE A 714 -21.11 -9.72 37.77
CA PHE A 714 -21.86 -10.96 37.94
C PHE A 714 -21.91 -11.38 39.40
N LYS A 715 -20.78 -11.29 40.10
CA LYS A 715 -20.78 -11.63 41.53
C LYS A 715 -21.68 -10.69 42.32
N SER A 716 -21.60 -9.38 42.02
CA SER A 716 -22.44 -8.42 42.73
C SER A 716 -23.90 -8.58 42.34
N ASN A 717 -24.18 -8.85 41.06
CA ASN A 717 -25.57 -9.01 40.63
C ASN A 717 -26.22 -10.24 41.26
N LEU A 718 -25.49 -11.35 41.36
CA LEU A 718 -26.05 -12.54 41.99
C LEU A 718 -26.24 -12.33 43.48
N VAL A 719 -25.47 -11.42 44.08
CA VAL A 719 -25.67 -11.07 45.49
C VAL A 719 -27.04 -10.44 45.68
N CYS A 720 -27.45 -9.59 44.74
CA CYS A 720 -28.75 -8.93 44.84
C CYS A 720 -29.88 -9.94 44.89
N ALA A 721 -29.80 -10.97 44.05
CA ALA A 721 -30.83 -12.02 44.07
C ALA A 721 -30.89 -12.73 45.40
N PHE A 722 -29.77 -12.83 46.11
CA PHE A 722 -29.77 -13.48 47.41
C PHE A 722 -30.52 -12.66 48.46
N ILE A 723 -30.34 -11.34 48.44
CA ILE A 723 -30.97 -10.49 49.46
C ILE A 723 -32.48 -10.49 49.30
N VAL A 724 -32.97 -10.34 48.06
CA VAL A 724 -34.41 -10.32 47.85
C VAL A 724 -35.03 -11.66 48.20
N LEU A 725 -34.37 -12.76 47.81
CA LEU A 725 -34.83 -14.08 48.23
C LEU A 725 -34.74 -14.24 49.74
N LEU A 726 -33.75 -13.58 50.37
CA LEU A 726 -33.67 -13.61 51.82
C LEU A 726 -34.78 -12.78 52.45
N PHE A 727 -35.22 -11.70 51.77
CA PHE A 727 -36.26 -10.85 52.32
C PHE A 727 -37.63 -11.51 52.22
N ILE A 728 -37.91 -12.20 51.12
CA ILE A 728 -39.19 -12.90 51.00
C ILE A 728 -39.28 -14.00 52.04
N THR A 729 -38.14 -14.59 52.42
CA THR A 729 -38.14 -15.54 53.53
C THR A 729 -38.50 -14.84 54.84
N ALA A 730 -37.93 -13.67 55.10
CA ALA A 730 -38.30 -12.91 56.28
C ALA A 730 -39.71 -12.35 56.16
N ILE A 731 -40.16 -12.05 54.93
CA ILE A 731 -41.52 -11.56 54.73
C ILE A 731 -42.52 -12.64 55.13
N GLN A 732 -42.29 -13.87 54.68
CA GLN A 732 -43.22 -14.96 54.92
C GLN A 732 -43.03 -15.61 56.29
N SER A 733 -41.85 -15.50 56.89
CA SER A 733 -41.59 -16.17 58.16
C SER A 733 -42.56 -15.70 59.25
N LEU A 734 -42.81 -14.39 59.31
CA LEU A 734 -43.77 -13.85 60.26
C LEU A 734 -45.20 -13.98 59.78
N LEU A 735 -45.42 -14.26 58.49
CA LEU A 735 -46.77 -14.53 58.00
C LEU A 735 -47.23 -15.89 58.51
N PRO A 736 -48.48 -16.00 58.97
CA PRO A 736 -48.94 -17.26 59.55
C PRO A 736 -49.31 -18.30 58.51
N SER A 737 -49.15 -19.56 58.90
CA SER A 737 -49.54 -20.69 58.06
C SER A 737 -49.73 -21.90 58.96
N SER A 738 -50.45 -22.90 58.43
CA SER A 738 -50.75 -24.09 59.21
C SER A 738 -49.49 -24.92 59.47
N ARG A 739 -48.72 -25.20 58.41
CA ARG A 739 -47.52 -26.02 58.52
C ARG A 739 -46.31 -25.10 58.58
N VAL A 740 -46.11 -24.47 59.74
CA VAL A 740 -45.03 -23.49 59.90
C VAL A 740 -43.67 -24.16 59.73
N MET A 741 -43.48 -25.32 60.34
CA MET A 741 -42.20 -26.02 60.26
C MET A 741 -41.99 -26.70 58.90
N PRO A 742 -42.98 -27.45 58.38
CA PRO A 742 -42.76 -28.08 57.05
C PRO A 742 -42.46 -27.09 55.94
N MET A 743 -43.06 -25.90 55.97
CA MET A 743 -42.74 -24.90 54.95
C MET A 743 -41.35 -24.32 55.19
N ALA A 744 -40.89 -24.28 56.43
CA ALA A 744 -39.56 -23.77 56.72
C ALA A 744 -38.47 -24.75 56.27
N ILE A 745 -38.77 -26.05 56.31
CA ILE A 745 -37.81 -27.04 55.83
C ILE A 745 -37.56 -26.85 54.34
N GLN A 746 -38.63 -26.67 53.56
CA GLN A 746 -38.46 -26.34 52.15
C GLN A 746 -37.82 -24.97 51.99
N PHE A 747 -38.22 -24.00 52.82
CA PHE A 747 -37.59 -22.68 52.77
C PHE A 747 -36.10 -22.76 53.06
N SER A 748 -35.72 -23.61 54.02
CA SER A 748 -34.30 -23.81 54.30
C SER A 748 -33.58 -24.40 53.09
N ILE A 749 -34.21 -25.37 52.41
CA ILE A 749 -33.60 -25.96 51.23
C ILE A 749 -33.46 -24.92 50.12
N LEU A 750 -34.54 -24.16 49.87
CA LEU A 750 -34.49 -23.16 48.81
C LEU A 750 -33.50 -22.03 49.15
N ILE A 751 -33.47 -21.59 50.41
CA ILE A 751 -32.50 -20.57 50.78
C ILE A 751 -31.09 -21.14 50.74
N MET A 752 -30.95 -22.44 50.95
CA MET A 752 -29.65 -23.09 50.76
C MET A 752 -29.34 -23.31 49.28
N LEU A 753 -30.37 -23.54 48.46
CA LEU A 753 -30.16 -23.72 47.03
C LEU A 753 -29.57 -22.46 46.40
N HIS A 754 -30.11 -21.29 46.78
CA HIS A 754 -29.52 -20.04 46.31
C HIS A 754 -28.11 -19.86 46.87
N SER A 755 -27.91 -20.19 48.16
CA SER A 755 -26.58 -20.10 48.74
C SER A 755 -25.64 -21.12 48.11
N ALA A 756 -26.16 -22.24 47.63
CA ALA A 756 -25.33 -23.21 46.92
C ALA A 756 -24.76 -22.61 45.65
N LEU A 757 -25.60 -21.88 44.89
CA LEU A 757 -25.09 -21.18 43.72
C LEU A 757 -24.23 -19.98 44.12
N VAL A 758 -24.53 -19.37 45.27
CA VAL A 758 -23.75 -18.21 45.71
C VAL A 758 -22.30 -18.60 45.95
N LEU A 759 -22.07 -19.70 46.66
CA LEU A 759 -20.70 -20.12 46.94
C LEU A 759 -20.01 -20.60 45.67
N ILE A 760 -20.74 -21.29 44.78
CA ILE A 760 -20.16 -21.73 43.52
C ILE A 760 -19.78 -20.53 42.66
N THR A 761 -20.66 -19.53 42.60
CA THR A 761 -20.40 -18.33 41.81
C THR A 761 -19.48 -17.34 42.52
N THR A 762 -19.17 -17.56 43.80
CA THR A 762 -18.16 -16.79 44.50
C THR A 762 -16.96 -17.65 44.88
N ALA A 763 -16.79 -18.80 44.21
CA ALA A 763 -15.62 -19.63 44.47
C ALA A 763 -14.34 -18.89 44.14
N GLU A 764 -14.32 -18.15 43.02
CA GLU A 764 -13.18 -17.30 42.71
C GLU A 764 -12.99 -16.24 43.77
N ASP A 765 -14.10 -15.69 44.29
CA ASP A 765 -14.01 -14.75 45.40
C ASP A 765 -13.42 -15.39 46.65
N TYR A 766 -13.70 -16.68 46.85
CA TYR A 766 -13.18 -17.42 48.01
C TYR A 766 -11.78 -17.91 47.65
N LYS A 767 -10.78 -17.09 47.97
CA LYS A 767 -9.40 -17.47 47.67
C LYS A 767 -8.98 -18.70 48.45
N CYS A 768 -9.45 -18.83 49.70
CA CYS A 768 -9.11 -20.00 50.50
C CYS A 768 -9.58 -21.29 49.84
N LEU A 769 -10.64 -21.24 49.05
CA LEU A 769 -11.10 -22.40 48.33
C LEU A 769 -10.12 -22.75 47.21
N PRO A 770 -10.07 -24.02 46.79
CA PRO A 770 -9.06 -24.43 45.80
C PRO A 770 -9.24 -23.74 44.46
N LEU A 771 -8.17 -23.76 43.67
CA LEU A 771 -8.16 -23.12 42.36
C LEU A 771 -9.14 -23.77 41.40
N VAL A 772 -9.31 -25.10 41.50
CA VAL A 772 -10.22 -25.79 40.60
C VAL A 772 -11.64 -25.24 40.74
N LEU A 773 -12.07 -25.01 41.97
CA LEU A 773 -13.36 -24.36 42.18
C LEU A 773 -13.35 -22.92 41.67
N ARG A 774 -12.24 -22.22 41.86
CA ARG A 774 -12.14 -20.84 41.38
C ARG A 774 -12.20 -20.78 39.86
N LYS A 775 -11.57 -21.74 39.17
CA LYS A 775 -11.61 -21.75 37.71
C LYS A 775 -13.03 -21.96 37.20
N THR A 776 -13.80 -22.81 37.87
CA THR A 776 -15.19 -23.04 37.47
C THR A 776 -16.00 -21.76 37.55
N CYS A 777 -15.79 -20.96 38.59
CA CYS A 777 -16.47 -19.67 38.71
C CYS A 777 -16.10 -18.76 37.54
N CYS A 778 -14.82 -18.68 37.21
CA CYS A 778 -14.41 -17.91 36.05
C CYS A 778 -15.00 -18.48 34.77
N TRP A 779 -14.97 -19.80 34.62
CA TRP A 779 -15.50 -20.44 33.43
C TRP A 779 -17.00 -20.23 33.30
N ILE A 780 -17.71 -20.08 34.42
CA ILE A 780 -19.14 -19.81 34.39
C ILE A 780 -19.42 -18.48 33.69
N ASN A 781 -18.67 -17.44 34.08
CA ASN A 781 -18.86 -16.12 33.49
C ASN A 781 -18.12 -15.96 32.17
N GLU A 782 -17.19 -16.86 31.85
CA GLU A 782 -16.46 -16.76 30.59
C GLU A 782 -17.38 -16.95 29.39
N THR A 783 -18.29 -17.92 29.47
CA THR A 783 -19.21 -18.21 28.38
C THR A 783 -20.60 -17.72 28.77
N TYR A 784 -21.28 -17.06 27.82
CA TYR A 784 -22.57 -16.43 28.11
C TYR A 784 -23.63 -17.48 28.44
N LEU A 785 -23.62 -18.61 27.73
CA LEU A 785 -24.64 -19.63 27.96
C LEU A 785 -24.52 -20.23 29.35
N ALA A 786 -23.30 -20.47 29.82
CA ALA A 786 -23.13 -21.01 31.17
C ALA A 786 -23.61 -20.04 32.24
N ARG A 787 -23.46 -18.74 31.99
CA ARG A 787 -24.02 -17.76 32.92
C ARG A 787 -25.52 -17.62 32.75
N ASN A 788 -26.04 -17.82 31.53
CA ASN A 788 -27.48 -17.68 31.31
C ASN A 788 -28.27 -18.69 32.10
N VAL A 789 -27.83 -19.95 32.12
CA VAL A 789 -28.54 -20.98 32.85
C VAL A 789 -28.50 -20.70 34.35
N ILE A 790 -27.37 -20.22 34.85
CA ILE A 790 -27.27 -19.85 36.27
C ILE A 790 -28.16 -18.65 36.56
N ILE A 791 -28.18 -17.66 35.67
CA ILE A 791 -29.06 -16.51 35.86
C ILE A 791 -30.52 -16.95 35.85
N PHE A 792 -30.87 -17.84 34.91
CA PHE A 792 -32.21 -18.43 34.92
C PHE A 792 -32.43 -19.25 36.18
N ALA A 793 -31.41 -20.00 36.62
CA ALA A 793 -31.57 -20.84 37.79
C ALA A 793 -31.86 -20.01 39.04
N SER A 794 -31.05 -18.98 39.28
CA SER A 794 -31.26 -18.14 40.47
C SER A 794 -32.58 -17.40 40.39
N ILE A 795 -33.07 -17.13 39.17
CA ILE A 795 -34.39 -16.53 39.02
C ILE A 795 -35.46 -17.46 39.56
N LEU A 796 -35.34 -18.75 39.27
CA LEU A 796 -36.37 -19.71 39.67
C LEU A 796 -36.46 -19.83 41.20
N ILE A 797 -35.32 -19.86 41.88
CA ILE A 797 -35.33 -20.05 43.33
C ILE A 797 -36.14 -18.96 44.01
N ASN A 798 -36.02 -17.73 43.53
CA ASN A 798 -36.88 -16.66 44.05
C ASN A 798 -38.34 -16.96 43.78
N PHE A 799 -38.65 -17.55 42.63
CA PHE A 799 -40.03 -17.87 42.30
C PHE A 799 -40.53 -19.09 43.09
N LEU A 800 -39.70 -20.12 43.22
CA LEU A 800 -40.11 -21.28 44.00
C LEU A 800 -40.34 -20.90 45.47
N GLY A 801 -39.46 -20.07 46.02
CA GLY A 801 -39.67 -19.60 47.38
C GLY A 801 -40.91 -18.74 47.53
N ALA A 802 -41.27 -18.00 46.47
CA ALA A 802 -42.41 -17.09 46.52
C ALA A 802 -43.75 -17.78 46.29
N ILE A 803 -43.76 -19.02 45.80
CA ILE A 803 -45.01 -19.71 45.52
C ILE A 803 -45.25 -20.88 46.48
N LEU A 804 -44.19 -21.49 47.03
CA LEU A 804 -44.39 -22.68 47.84
C LEU A 804 -45.21 -22.38 49.08
N ASN A 805 -45.14 -21.15 49.60
CA ASN A 805 -45.98 -20.77 50.72
C ASN A 805 -47.46 -20.82 50.34
N ILE A 806 -47.80 -20.37 49.13
CA ILE A 806 -49.18 -20.39 48.69
C ILE A 806 -49.67 -21.82 48.50
N LEU A 807 -48.79 -22.71 48.02
CA LEU A 807 -49.18 -24.11 47.85
C LEU A 807 -49.47 -24.78 49.18
N TRP A 808 -48.76 -24.39 50.24
CA TRP A 808 -49.09 -24.89 51.57
C TRP A 808 -50.50 -24.45 51.98
N CYS A 809 -50.87 -23.21 51.66
CA CYS A 809 -52.21 -22.74 51.96
C CYS A 809 -53.25 -23.55 51.19
N ASP A 810 -54.33 -23.89 51.87
CA ASP A 810 -55.38 -24.70 51.27
C ASP A 810 -56.52 -23.83 50.73
N CYS A 832 -53.21 -17.78 56.29
CA CYS A 832 -53.41 -17.89 54.85
C CYS A 832 -54.64 -17.10 54.41
N SER A 833 -55.14 -16.24 55.30
CA SER A 833 -56.32 -15.43 55.02
C SER A 833 -55.97 -14.09 54.39
N TYR A 834 -54.76 -13.95 53.86
CA TYR A 834 -54.30 -12.71 53.24
C TYR A 834 -53.73 -13.05 51.86
N PRO A 835 -54.59 -13.39 50.90
CA PRO A 835 -54.09 -13.89 49.61
C PRO A 835 -53.42 -12.83 48.75
N GLU A 836 -53.66 -11.54 48.99
CA GLU A 836 -53.00 -10.52 48.19
C GLU A 836 -51.54 -10.31 48.60
N TYR A 837 -51.21 -10.53 49.88
CA TYR A 837 -49.82 -10.40 50.29
C TYR A 837 -48.93 -11.47 49.69
N PHE A 838 -49.47 -12.67 49.45
CA PHE A 838 -48.67 -13.68 48.77
C PHE A 838 -48.45 -13.35 47.29
N VAL A 839 -49.31 -12.52 46.70
CA VAL A 839 -49.12 -12.13 45.32
C VAL A 839 -47.92 -11.19 45.18
N PHE A 840 -47.75 -10.27 46.13
CA PHE A 840 -46.63 -9.33 46.06
C PHE A 840 -45.29 -10.04 46.16
N THR A 841 -45.24 -11.24 46.73
CA THR A 841 -44.00 -12.00 46.71
C THR A 841 -43.59 -12.34 45.29
N GLY A 842 -44.55 -12.65 44.42
CA GLY A 842 -44.25 -12.80 43.01
C GLY A 842 -43.78 -11.50 42.38
N VAL A 843 -44.40 -10.39 42.75
CA VAL A 843 -43.88 -9.08 42.37
C VAL A 843 -42.47 -8.90 42.92
N LEU A 844 -42.23 -9.39 44.14
CA LEU A 844 -40.89 -9.38 44.71
C LEU A 844 -39.94 -10.34 44.00
N ALA A 845 -40.47 -11.22 43.14
CA ALA A 845 -39.63 -12.07 42.30
C ALA A 845 -39.46 -11.51 40.90
N MET A 846 -40.43 -10.71 40.43
CA MET A 846 -40.31 -10.11 39.11
C MET A 846 -39.19 -9.07 39.05
N VAL A 847 -38.91 -8.42 40.17
CA VAL A 847 -37.80 -7.47 40.20
C VAL A 847 -36.47 -8.20 39.99
N THR A 848 -36.35 -9.42 40.49
CA THR A 848 -35.13 -10.19 40.31
C THR A 848 -34.79 -10.35 38.84
N CYS A 849 -35.80 -10.50 37.98
CA CYS A 849 -35.56 -10.52 36.54
C CYS A 849 -35.03 -9.17 36.07
N ALA A 850 -35.59 -8.07 36.57
CA ALA A 850 -35.09 -6.76 36.20
C ALA A 850 -33.70 -6.51 36.76
N VAL A 851 -33.38 -7.11 37.90
CA VAL A 851 -32.05 -6.99 38.47
C VAL A 851 -31.01 -7.59 37.53
N PHE A 852 -31.37 -8.67 36.84
CA PHE A 852 -30.42 -9.42 36.02
C PHE A 852 -30.29 -8.71 34.68
N LEU A 853 -29.43 -7.68 34.67
CA LEU A 853 -29.32 -6.82 33.50
C LEU A 853 -28.72 -7.56 32.31
N ARG A 854 -27.70 -8.38 32.54
CA ARG A 854 -26.91 -8.92 31.44
C ARG A 854 -27.68 -9.92 30.59
N LEU A 855 -28.64 -10.63 31.18
CA LEU A 855 -29.33 -11.67 30.43
C LEU A 855 -30.20 -11.05 29.34
N ASN A 856 -30.31 -11.78 28.22
CA ASN A 856 -30.84 -11.22 26.99
C ASN A 856 -32.33 -10.90 27.16
N SER A 857 -32.80 -9.92 26.40
CA SER A 857 -34.16 -9.42 26.56
C SER A 857 -35.20 -10.47 26.20
N VAL A 858 -35.08 -11.08 25.02
CA VAL A 858 -36.09 -12.05 24.58
C VAL A 858 -36.06 -13.29 25.49
N LEU A 859 -34.87 -13.68 25.95
CA LEU A 859 -34.79 -14.75 26.93
C LEU A 859 -35.48 -14.36 28.23
N LYS A 860 -35.39 -13.08 28.60
CA LYS A 860 -36.04 -12.61 29.81
C LYS A 860 -37.57 -12.67 29.67
N LEU A 861 -38.10 -12.31 28.49
CA LEU A 861 -39.53 -12.39 28.28
C LEU A 861 -40.04 -13.82 28.42
N ALA A 862 -39.30 -14.78 27.85
CA ALA A 862 -39.71 -16.18 27.91
C ALA A 862 -39.80 -16.66 29.36
N VAL A 863 -38.79 -16.33 30.16
CA VAL A 863 -38.84 -16.72 31.57
C VAL A 863 -39.86 -15.86 32.33
N LEU A 864 -40.00 -14.59 31.95
CA LEU A 864 -41.00 -13.74 32.59
C LEU A 864 -42.40 -14.23 32.31
N LEU A 865 -42.66 -14.67 31.07
CA LEU A 865 -43.97 -15.19 30.72
C LEU A 865 -44.33 -16.43 31.53
N ILE A 866 -43.33 -17.14 32.06
CA ILE A 866 -43.60 -18.28 32.93
C ILE A 866 -44.19 -17.80 34.25
N MET A 867 -43.67 -16.71 34.81
CA MET A 867 -44.16 -16.22 36.10
C MET A 867 -45.63 -15.84 36.03
N ILE A 868 -46.03 -15.10 34.99
CA ILE A 868 -47.41 -14.65 34.91
C ILE A 868 -48.34 -15.83 34.63
N ALA A 869 -47.92 -16.76 33.77
CA ALA A 869 -48.77 -17.89 33.43
C ALA A 869 -49.06 -18.76 34.64
N ILE A 870 -48.05 -19.03 35.47
CA ILE A 870 -48.29 -19.80 36.68
C ILE A 870 -49.21 -19.05 37.63
N TYR A 871 -48.99 -17.74 37.79
CA TYR A 871 -49.86 -16.95 38.64
C TYR A 871 -51.26 -16.82 38.05
N ALA A 872 -51.37 -16.75 36.72
CA ALA A 872 -52.68 -16.75 36.09
C ALA A 872 -53.42 -18.05 36.40
N LEU A 873 -52.69 -19.17 36.41
CA LEU A 873 -53.31 -20.46 36.74
C LEU A 873 -53.62 -20.55 38.23
N LEU A 874 -52.88 -19.85 39.07
CA LEU A 874 -53.10 -19.88 40.51
C LEU A 874 -54.04 -18.77 40.99
N THR A 875 -54.46 -17.87 40.10
CA THR A 875 -55.42 -16.83 40.44
C THR A 875 -56.81 -17.08 39.88
N GLU A 876 -56.95 -18.03 38.95
CA GLU A 876 -58.24 -18.48 38.46
C GLU A 876 -58.85 -19.44 39.46
N THR A 877 -59.81 -20.25 39.02
CA THR A 877 -60.55 -21.20 39.86
C THR A 877 -59.70 -21.84 40.95
N ILE A 878 -58.45 -22.17 40.64
CA ILE A 878 -57.54 -22.70 41.67
C ILE A 878 -57.20 -21.57 42.64
N TYR A 879 -57.47 -21.79 43.92
CA TYR A 879 -57.34 -20.77 44.98
C TYR A 879 -58.25 -19.57 44.73
N ALA A 880 -59.31 -19.74 43.95
CA ALA A 880 -60.28 -18.66 43.78
C ALA A 880 -61.11 -18.46 45.05
N GLY A 881 -61.46 -19.56 45.72
CA GLY A 881 -62.21 -19.44 46.97
C GLY A 881 -61.43 -18.71 48.05
N LEU A 882 -60.11 -18.92 48.08
CA LEU A 882 -59.27 -18.18 49.03
C LEU A 882 -59.31 -16.69 48.76
N PHE A 883 -59.52 -16.29 47.51
CA PHE A 883 -59.74 -14.88 47.21
C PHE A 883 -61.16 -14.45 47.59
N LEU A 884 -62.13 -15.36 47.52
CA LEU A 884 -63.51 -15.02 47.85
C LEU A 884 -63.66 -14.69 49.33
N ARG A 885 -63.00 -15.45 50.21
CA ARG A 885 -63.10 -15.15 51.64
C ARG A 885 -62.45 -13.82 51.98
N TYR A 886 -61.49 -13.37 51.17
CA TYR A 886 -60.92 -12.04 51.38
C TYR A 886 -61.88 -10.96 50.92
N ASP A 887 -62.67 -11.23 49.88
CA ASP A 887 -63.61 -10.25 49.36
C ASP A 887 -64.68 -9.90 50.40
N ASN A 888 -65.32 -10.92 50.97
CA ASN A 888 -66.42 -10.67 51.88
C ASN A 888 -65.95 -10.04 53.18
N LEU A 889 -64.74 -10.39 53.64
CA LEU A 889 -64.23 -9.81 54.88
C LEU A 889 -63.97 -8.32 54.72
N ASN A 890 -63.29 -7.92 53.65
CA ASN A 890 -63.05 -6.51 53.40
C ASN A 890 -64.34 -5.79 53.01
N HIS A 891 -65.15 -6.41 52.14
CA HIS A 891 -66.40 -5.82 51.68
C HIS A 891 -66.17 -4.47 51.00
N SER A 892 -66.33 -3.39 51.77
CA SER A 892 -66.15 -2.04 51.27
C SER A 892 -67.06 -1.77 50.08
N GLY A 893 -66.68 -0.81 49.22
CA GLY A 893 -67.43 -0.54 48.03
C GLY A 893 -66.90 -1.29 46.82
N GLU A 894 -67.52 -2.44 46.52
CA GLU A 894 -67.17 -3.32 45.40
C GLU A 894 -65.67 -3.45 45.21
N ASP A 895 -64.93 -3.59 46.32
CA ASP A 895 -63.46 -3.58 46.25
C ASP A 895 -62.87 -4.82 45.62
N PHE A 896 -63.68 -5.82 45.24
CA PHE A 896 -63.13 -7.00 44.60
C PHE A 896 -62.52 -6.70 43.24
N LEU A 897 -62.81 -5.54 42.66
CA LEU A 897 -62.06 -5.09 41.49
C LEU A 897 -60.62 -4.75 41.84
N GLY A 898 -60.32 -4.50 43.12
CA GLY A 898 -58.95 -4.31 43.56
C GLY A 898 -58.27 -5.63 43.89
N THR A 899 -59.09 -6.67 44.03
CA THR A 899 -58.63 -8.04 44.21
C THR A 899 -58.25 -8.62 42.84
N LYS A 900 -58.26 -9.94 42.71
CA LYS A 900 -57.81 -10.69 41.54
C LYS A 900 -58.12 -9.97 40.23
N GLU A 901 -59.28 -9.30 40.15
CA GLU A 901 -59.58 -8.47 38.99
C GLU A 901 -58.49 -7.43 38.73
N ALA A 902 -57.80 -6.98 39.79
CA ALA A 902 -56.65 -6.09 39.63
C ALA A 902 -55.31 -6.78 39.89
N SER A 903 -55.32 -8.01 40.38
CA SER A 903 -54.06 -8.70 40.65
C SER A 903 -53.26 -8.90 39.37
N LEU A 904 -53.92 -9.39 38.32
CA LEU A 904 -53.26 -9.49 37.02
C LEU A 904 -53.04 -8.12 36.39
N LEU A 905 -53.84 -7.12 36.76
CA LEU A 905 -53.60 -5.76 36.28
C LEU A 905 -52.26 -5.24 36.78
N LEU A 906 -51.94 -5.49 38.05
CA LEU A 906 -50.62 -5.13 38.57
C LEU A 906 -49.53 -5.93 37.88
N MET A 907 -49.77 -7.23 37.67
CA MET A 907 -48.78 -8.06 36.98
C MET A 907 -48.51 -7.56 35.58
N ALA A 908 -49.54 -7.07 34.89
CA ALA A 908 -49.37 -6.59 33.53
C ALA A 908 -48.41 -5.42 33.47
N MET A 909 -48.66 -4.38 34.28
CA MET A 909 -47.78 -3.21 34.25
C MET A 909 -46.38 -3.56 34.73
N PHE A 910 -46.29 -4.40 35.77
CA PHE A 910 -44.96 -4.78 36.26
C PHE A 910 -44.16 -5.52 35.20
N LEU A 911 -44.81 -6.45 34.50
CA LEU A 911 -44.14 -7.18 33.43
C LEU A 911 -43.72 -6.25 32.30
N LEU A 912 -44.60 -5.34 31.90
CA LEU A 912 -44.26 -4.41 30.84
C LEU A 912 -43.07 -3.54 31.22
N ALA A 913 -43.06 -3.02 32.45
CA ALA A 913 -41.95 -2.18 32.89
C ALA A 913 -40.65 -2.96 32.92
N VAL A 914 -40.67 -4.19 33.45
CA VAL A 914 -39.44 -4.97 33.55
C VAL A 914 -38.92 -5.31 32.15
N PHE A 915 -39.82 -5.71 31.25
CA PHE A 915 -39.40 -6.05 29.89
C PHE A 915 -38.79 -4.84 29.19
N TYR A 916 -39.42 -3.67 29.32
CA TYR A 916 -38.88 -2.49 28.64
C TYR A 916 -37.56 -2.06 29.26
N HIS A 917 -37.40 -2.22 30.58
CA HIS A 917 -36.11 -1.94 31.21
C HIS A 917 -35.02 -2.81 30.62
N GLY A 918 -35.25 -4.11 30.54
CA GLY A 918 -34.26 -5.00 29.95
C GLY A 918 -33.98 -4.67 28.49
N GLN A 919 -35.03 -4.35 27.73
CA GLN A 919 -34.86 -4.04 26.32
C GLN A 919 -34.01 -2.79 26.12
N GLN A 920 -34.29 -1.74 26.88
CA GLN A 920 -33.52 -0.50 26.74
C GLN A 920 -32.07 -0.70 27.18
N LEU A 921 -31.86 -1.46 28.27
CA LEU A 921 -30.50 -1.71 28.72
C LEU A 921 -29.69 -2.44 27.65
N GLU A 922 -30.27 -3.49 27.07
CA GLU A 922 -29.58 -4.22 26.02
C GLU A 922 -29.37 -3.36 24.78
N TYR A 923 -30.34 -2.49 24.47
CA TYR A 923 -30.19 -1.58 23.33
C TYR A 923 -28.95 -0.71 23.50
N THR A 924 -28.83 -0.06 24.66
CA THR A 924 -27.67 0.80 24.91
C THR A 924 -26.38 0.00 24.86
N ALA A 925 -26.37 -1.19 25.47
CA ALA A 925 -25.15 -1.98 25.51
C ALA A 925 -24.70 -2.40 24.12
N ARG A 926 -25.64 -2.88 23.30
CA ARG A 926 -25.30 -3.31 21.95
C ARG A 926 -24.81 -2.13 21.10
N LEU A 927 -25.46 -0.96 21.24
CA LEU A 927 -25.03 0.20 20.49
C LEU A 927 -23.59 0.59 20.84
N ASP A 928 -23.27 0.62 22.15
CA ASP A 928 -21.92 1.00 22.53
C ASP A 928 -20.90 -0.02 22.05
N PHE A 929 -21.23 -1.31 22.13
CA PHE A 929 -20.31 -2.34 21.65
C PHE A 929 -20.02 -2.18 20.16
N LEU A 930 -21.07 -1.99 19.37
CA LEU A 930 -20.89 -1.85 17.92
C LEU A 930 -20.03 -0.63 17.61
N TRP A 931 -20.28 0.49 18.28
CA TRP A 931 -19.50 1.68 17.98
C TRP A 931 -18.05 1.50 18.43
N ARG A 932 -17.82 0.81 19.53
CA ARG A 932 -16.44 0.52 19.95
C ARG A 932 -15.72 -0.30 18.88
N VAL A 933 -16.41 -1.29 18.30
CA VAL A 933 -15.80 -2.10 17.25
C VAL A 933 -15.45 -1.24 16.03
N GLN A 934 -16.38 -0.37 15.63
CA GLN A 934 -16.13 0.50 14.47
C GLN A 934 -14.94 1.42 14.72
N ALA A 935 -14.88 2.02 15.92
CA ALA A 935 -13.77 2.91 16.26
C ALA A 935 -12.44 2.16 16.26
N LYS A 936 -12.42 0.94 16.79
CA LYS A 936 -11.20 0.16 16.80
C LYS A 936 -10.73 -0.15 15.37
N GLU A 937 -11.67 -0.48 14.48
CA GLU A 937 -11.31 -0.71 13.08
C GLU A 937 -10.71 0.54 12.46
N GLU A 938 -11.31 1.70 12.71
CA GLU A 938 -10.77 2.94 12.18
C GLU A 938 -9.36 3.19 12.72
N ILE A 939 -9.15 2.94 14.01
CA ILE A 939 -7.83 3.13 14.61
C ILE A 939 -6.80 2.24 13.95
N ASN A 940 -7.17 0.97 13.70
CA ASN A 940 -6.23 0.05 13.07
C ASN A 940 -5.85 0.52 11.67
N GLU A 941 -6.84 0.95 10.88
CA GLU A 941 -6.54 1.42 9.53
C GLU A 941 -5.64 2.64 9.57
N MET A 942 -5.92 3.58 10.47
CA MET A 942 -5.11 4.79 10.56
C MET A 942 -3.70 4.47 11.04
N LYS A 943 -3.55 3.49 11.91
CA LYS A 943 -2.22 3.07 12.34
C LYS A 943 -1.43 2.48 11.18
N GLU A 944 -2.08 1.68 10.33
CA GLU A 944 -1.40 1.14 9.16
C GLU A 944 -0.95 2.27 8.22
N LEU A 945 -1.81 3.26 8.00
CA LEU A 945 -1.42 4.40 7.17
C LEU A 945 -0.25 5.14 7.79
N ARG A 946 -0.25 5.28 9.12
CA ARG A 946 0.87 5.92 9.81
C ARG A 946 2.16 5.15 9.58
N GLU A 947 2.10 3.82 9.62
CA GLU A 947 3.29 3.01 9.38
C GLU A 947 3.83 3.23 7.98
N HIS A 948 2.93 3.27 6.98
CA HIS A 948 3.37 3.50 5.61
C HIS A 948 4.04 4.87 5.48
N ASN A 949 3.42 5.90 6.06
CA ASN A 949 3.99 7.25 5.97
C ASN A 949 5.33 7.32 6.68
N GLU A 950 5.46 6.64 7.83
CA GLU A 950 6.72 6.63 8.55
C GLU A 950 7.81 5.98 7.71
N ASN A 951 7.48 4.87 7.04
CA ASN A 951 8.44 4.21 6.17
C ASN A 951 8.91 5.15 5.06
N MET A 952 7.96 5.82 4.39
CA MET A 952 8.34 6.73 3.31
C MET A 952 9.21 7.88 3.82
N LEU A 953 8.81 8.49 4.94
CA LEU A 953 9.58 9.60 5.48
C LEU A 953 10.98 9.17 5.87
N ARG A 954 11.12 7.98 6.46
CA ARG A 954 12.45 7.46 6.78
C ARG A 954 13.27 7.26 5.52
N ASN A 955 12.65 6.79 4.45
CA ASN A 955 13.38 6.60 3.20
C ASN A 955 13.80 7.93 2.58
N ILE A 956 13.04 9.00 2.82
CA ILE A 956 13.32 10.26 2.15
C ILE A 956 14.45 11.02 2.83
N LEU A 957 14.33 11.27 4.14
CA LEU A 957 15.20 12.18 4.86
C LEU A 957 15.89 11.47 6.02
N PRO A 958 17.01 12.02 6.52
CA PRO A 958 17.65 11.43 7.70
C PRO A 958 16.77 11.52 8.92
N SER A 959 17.25 10.92 10.01
CA SER A 959 16.45 10.83 11.23
C SER A 959 16.34 12.18 11.92
N HIS A 960 17.48 12.79 12.27
CA HIS A 960 17.47 14.01 13.06
C HIS A 960 16.84 15.17 12.29
N VAL A 961 17.12 15.26 10.98
CA VAL A 961 16.52 16.34 10.18
C VAL A 961 15.01 16.18 10.14
N ALA A 962 14.52 14.95 9.94
CA ALA A 962 13.08 14.72 9.91
C ALA A 962 12.44 15.04 11.24
N ARG A 963 13.09 14.66 12.34
CA ARG A 963 12.55 14.98 13.66
C ARG A 963 12.49 16.49 13.89
N HIS A 964 13.55 17.20 13.50
CA HIS A 964 13.58 18.64 13.69
C HIS A 964 12.54 19.35 12.83
N PHE A 965 12.29 18.86 11.62
CA PHE A 965 11.34 19.48 10.73
C PHE A 965 9.91 19.02 10.94
N LEU A 966 9.69 17.95 11.72
CA LEU A 966 8.33 17.45 11.92
C LEU A 966 7.54 18.36 12.86
N GLU A 967 8.16 18.80 13.96
CA GLU A 967 7.46 19.57 14.97
C GLU A 967 7.42 21.04 14.56
N LYS A 968 7.05 21.90 15.51
CA LYS A 968 7.12 23.34 15.33
C LYS A 968 8.56 23.75 15.04
N ASP A 969 8.73 25.00 14.59
CA ASP A 969 10.02 25.62 14.24
C ASP A 969 10.50 25.16 12.87
N ARG A 970 9.60 24.65 12.03
CA ARG A 970 9.96 24.37 10.64
C ARG A 970 10.32 25.65 9.90
N ASP A 971 9.53 26.72 10.09
CA ASP A 971 9.79 28.00 9.44
C ASP A 971 10.23 29.09 10.40
N ASN A 972 10.09 28.88 11.72
CA ASN A 972 10.57 29.86 12.68
C ASN A 972 12.08 30.03 12.58
N GLU A 973 12.81 28.93 12.44
CA GLU A 973 14.25 28.95 12.23
C GLU A 973 14.50 28.82 10.72
N GLU A 974 14.89 29.93 10.09
CA GLU A 974 15.02 29.94 8.64
C GLU A 974 16.16 29.03 8.19
N LEU A 975 17.26 29.00 8.93
CA LEU A 975 18.41 28.18 8.62
C LEU A 975 18.63 27.11 9.66
N TYR A 976 18.69 25.86 9.20
CA TYR A 976 19.18 24.73 9.98
C TYR A 976 20.54 24.35 9.43
N SER A 977 21.55 24.36 10.29
CA SER A 977 22.91 24.04 9.87
C SER A 977 23.71 23.52 11.04
N GLN A 978 24.86 22.92 10.73
CA GLN A 978 25.75 22.37 11.74
C GLN A 978 27.14 22.27 11.13
N SER A 979 28.16 22.52 11.94
CA SER A 979 29.54 22.50 11.49
C SER A 979 30.23 21.24 11.98
N TYR A 980 30.98 20.59 11.09
CA TYR A 980 31.73 19.39 11.40
C TYR A 980 33.20 19.60 11.03
N ASP A 981 34.07 18.85 11.70
CA ASP A 981 35.50 19.04 11.56
C ASP A 981 36.17 17.99 10.68
N ALA A 982 35.88 16.71 10.90
CA ALA A 982 36.50 15.62 10.16
C ALA A 982 35.43 14.92 9.33
N VAL A 983 35.34 15.26 8.05
CA VAL A 983 34.36 14.68 7.15
C VAL A 983 35.04 14.40 5.81
N GLY A 984 34.82 13.20 5.27
CA GLY A 984 35.31 12.84 3.96
C GLY A 984 34.21 12.95 2.92
N VAL A 985 34.56 13.40 1.72
CA VAL A 985 33.61 13.61 0.64
C VAL A 985 34.09 12.84 -0.58
N MET A 986 33.16 12.13 -1.23
CA MET A 986 33.47 11.31 -2.40
C MET A 986 32.49 11.59 -3.51
N PHE A 987 32.98 11.56 -4.75
CA PHE A 987 32.16 11.67 -5.94
C PHE A 987 32.46 10.50 -6.86
N ALA A 988 31.46 10.08 -7.62
CA ALA A 988 31.60 8.97 -8.57
C ALA A 988 30.81 9.31 -9.83
N SER A 989 31.50 9.41 -10.96
CA SER A 989 30.88 9.83 -12.20
C SER A 989 30.99 8.73 -13.25
N ILE A 990 30.05 8.73 -14.19
CA ILE A 990 30.05 7.79 -15.31
C ILE A 990 30.01 8.59 -16.61
N PRO A 991 31.16 9.00 -17.15
CA PRO A 991 31.15 9.83 -18.35
C PRO A 991 30.59 9.14 -19.58
N GLY A 992 30.56 7.81 -19.62
CA GLY A 992 30.09 7.10 -20.79
C GLY A 992 28.59 7.03 -20.95
N PHE A 993 27.84 7.34 -19.89
CA PHE A 993 26.39 7.24 -19.99
C PHE A 993 25.81 8.28 -20.95
N ALA A 994 26.44 9.44 -21.07
CA ALA A 994 25.98 10.44 -22.01
C ALA A 994 26.04 9.93 -23.44
N ASP A 995 27.13 9.25 -23.79
CA ASP A 995 27.22 8.60 -25.10
C ASP A 995 26.23 7.45 -25.22
N PHE A 996 26.07 6.68 -24.14
CA PHE A 996 25.12 5.56 -24.17
C PHE A 996 23.68 6.06 -24.32
N TYR A 997 23.34 7.16 -23.67
CA TYR A 997 21.96 7.64 -23.67
C TYR A 997 21.56 8.10 -25.07
N SER A 998 20.37 7.66 -25.50
CA SER A 998 19.83 8.04 -26.81
C SER A 998 18.32 7.92 -26.75
N GLN A 999 17.64 8.86 -27.39
CA GLN A 999 16.18 8.93 -27.38
C GLN A 999 15.67 8.54 -28.77
N THR A 1000 15.49 7.24 -28.98
CA THR A 1000 14.94 6.71 -30.20
C THR A 1000 13.47 6.36 -29.98
N GLU A 1001 12.86 5.70 -30.97
CA GLU A 1001 11.48 5.28 -30.84
C GLU A 1001 11.34 3.87 -30.28
N MET A 1002 12.34 3.01 -30.49
CA MET A 1002 12.26 1.64 -29.98
C MET A 1002 12.19 1.63 -28.46
N ASN A 1003 13.23 2.15 -27.80
CA ASN A 1003 13.06 2.57 -26.42
C ASN A 1003 12.11 3.76 -26.40
N ASN A 1004 11.22 3.79 -25.41
CA ASN A 1004 10.07 4.69 -25.44
C ASN A 1004 10.48 6.13 -25.76
N GLN A 1005 11.24 6.76 -24.88
CA GLN A 1005 11.95 7.99 -25.19
C GLN A 1005 13.29 8.05 -24.47
N GLY A 1006 13.91 6.90 -24.26
CA GLY A 1006 15.02 6.78 -23.35
C GLY A 1006 14.67 6.18 -22.02
N VAL A 1007 13.46 5.66 -21.86
CA VAL A 1007 13.04 5.09 -20.59
C VAL A 1007 13.89 3.87 -20.23
N GLU A 1008 14.30 3.10 -21.23
CA GLU A 1008 15.15 1.94 -20.96
C GLU A 1008 16.54 2.36 -20.50
N CYS A 1009 17.07 3.45 -21.05
CA CYS A 1009 18.34 3.97 -20.56
C CYS A 1009 18.23 4.42 -19.12
N LEU A 1010 17.13 5.10 -18.77
CA LEU A 1010 16.92 5.47 -17.38
C LEU A 1010 16.70 4.24 -16.49
N ARG A 1011 16.14 3.17 -17.04
CA ARG A 1011 16.01 1.93 -16.29
C ARG A 1011 17.37 1.33 -15.98
N LEU A 1012 18.28 1.34 -16.95
CA LEU A 1012 19.64 0.88 -16.71
C LEU A 1012 20.33 1.75 -15.66
N LEU A 1013 20.15 3.08 -15.75
CA LEU A 1013 20.74 3.98 -14.77
C LEU A 1013 20.17 3.71 -13.38
N ASN A 1014 18.87 3.47 -13.29
CA ASN A 1014 18.25 3.13 -12.02
C ASN A 1014 18.79 1.82 -11.48
N GLU A 1015 19.06 0.85 -12.36
CA GLU A 1015 19.67 -0.40 -11.92
C GLU A 1015 21.04 -0.16 -11.32
N ILE A 1016 21.85 0.68 -11.98
CA ILE A 1016 23.18 0.99 -11.45
C ILE A 1016 23.08 1.65 -10.08
N ILE A 1017 22.19 2.65 -9.97
CA ILE A 1017 22.07 3.38 -8.71
C ILE A 1017 21.52 2.49 -7.62
N ALA A 1018 20.59 1.59 -7.96
CA ALA A 1018 20.03 0.68 -6.97
C ALA A 1018 21.08 -0.33 -6.50
N ASP A 1019 21.93 -0.79 -7.41
CA ASP A 1019 23.04 -1.65 -6.99
C ASP A 1019 23.96 -0.91 -6.03
N PHE A 1020 24.27 0.36 -6.34
CA PHE A 1020 25.10 1.15 -5.43
C PHE A 1020 24.44 1.30 -4.06
N ASP A 1021 23.14 1.60 -4.04
CA ASP A 1021 22.43 1.79 -2.79
C ASP A 1021 22.38 0.50 -1.98
N GLU A 1022 22.15 -0.64 -2.64
CA GLU A 1022 22.15 -1.92 -1.94
C GLU A 1022 23.53 -2.22 -1.36
N LEU A 1023 24.58 -1.91 -2.11
CA LEU A 1023 25.93 -2.05 -1.57
C LEU A 1023 26.16 -1.14 -0.38
N LEU A 1024 25.51 0.03 -0.37
CA LEU A 1024 25.63 0.95 0.75
C LEU A 1024 25.04 0.38 2.04
N GLY A 1025 24.14 -0.58 1.94
CA GLY A 1025 23.48 -1.12 3.11
C GLY A 1025 24.24 -2.15 3.90
N GLU A 1026 25.42 -2.55 3.45
CA GLU A 1026 26.19 -3.56 4.17
C GLU A 1026 26.68 -3.01 5.51
N ASP A 1027 26.85 -3.92 6.47
CA ASP A 1027 27.34 -3.54 7.79
C ASP A 1027 28.77 -3.01 7.74
N ARG A 1028 29.52 -3.35 6.69
CA ARG A 1028 30.89 -2.85 6.55
C ARG A 1028 30.91 -1.34 6.38
N PHE A 1029 29.85 -0.76 5.80
CA PHE A 1029 29.76 0.67 5.54
C PHE A 1029 28.64 1.23 6.41
N GLN A 1030 28.98 1.59 7.65
CA GLN A 1030 28.03 2.19 8.57
C GLN A 1030 28.24 3.69 8.74
N ASP A 1031 29.46 4.18 8.53
CA ASP A 1031 29.77 5.60 8.69
C ASP A 1031 29.47 6.41 7.44
N ILE A 1032 29.08 5.77 6.34
CA ILE A 1032 28.91 6.44 5.06
C ILE A 1032 27.42 6.63 4.80
N GLU A 1033 27.05 7.85 4.38
CA GLU A 1033 25.67 8.17 4.06
C GLU A 1033 25.61 8.83 2.70
N LYS A 1034 24.68 8.40 1.86
CA LYS A 1034 24.49 8.99 0.55
C LYS A 1034 23.75 10.32 0.68
N ILE A 1035 24.29 11.35 0.03
CA ILE A 1035 23.70 12.69 0.13
C ILE A 1035 22.72 12.90 -1.01
N LYS A 1036 23.19 12.79 -2.24
CA LYS A 1036 22.37 13.04 -3.41
C LYS A 1036 23.02 12.39 -4.62
N THR A 1037 22.29 12.41 -5.73
CA THR A 1037 22.82 11.97 -7.02
C THR A 1037 22.60 13.09 -8.04
N ILE A 1038 23.65 13.44 -8.76
CA ILE A 1038 23.59 14.52 -9.74
C ILE A 1038 23.63 13.93 -11.14
N GLY A 1039 22.47 13.71 -11.73
CA GLY A 1039 22.40 13.04 -13.01
C GLY A 1039 22.94 11.62 -12.92
N SER A 1040 24.12 11.40 -13.51
CA SER A 1040 24.78 10.11 -13.44
C SER A 1040 25.90 10.09 -12.39
N THR A 1041 25.97 11.09 -11.54
CA THR A 1041 27.01 11.19 -10.53
C THR A 1041 26.47 10.76 -9.16
N TYR A 1042 27.32 10.09 -8.39
CA TYR A 1042 26.97 9.58 -7.07
C TYR A 1042 27.85 10.24 -6.02
N MET A 1043 27.22 10.82 -5.00
CA MET A 1043 27.93 11.56 -3.97
C MET A 1043 27.63 10.95 -2.60
N ALA A 1044 28.68 10.67 -1.84
CA ALA A 1044 28.55 10.12 -0.50
C ALA A 1044 29.60 10.76 0.40
N VAL A 1045 29.25 10.89 1.69
CA VAL A 1045 30.14 11.49 2.68
C VAL A 1045 30.42 10.47 3.76
N SER A 1046 31.46 10.76 4.56
CA SER A 1046 31.98 9.81 5.52
C SER A 1046 32.12 10.46 6.89
N GLY A 1047 31.67 9.76 7.92
CA GLY A 1047 31.86 10.20 9.29
C GLY A 1047 31.12 11.46 9.69
N LEU A 1048 29.88 11.63 9.21
CA LEU A 1048 29.10 12.80 9.61
C LEU A 1048 28.68 12.70 11.08
N SER A 1049 28.32 11.51 11.54
CA SER A 1049 27.81 11.35 12.89
C SER A 1049 28.91 10.79 13.79
N PRO A 1050 29.44 11.59 14.73
CA PRO A 1050 30.45 11.07 15.66
C PRO A 1050 29.78 10.29 16.79
N GLU A 1051 29.98 8.97 16.79
CA GLU A 1051 29.36 8.11 17.78
C GLU A 1051 30.29 6.97 18.19
N LYS A 1058 40.04 9.36 15.48
CA LYS A 1058 40.10 8.14 14.68
C LYS A 1058 39.78 8.45 13.23
N TRP A 1059 40.55 7.85 12.31
CA TRP A 1059 40.42 8.09 10.88
C TRP A 1059 39.94 6.85 10.14
N GLY A 1060 39.14 6.01 10.80
CA GLY A 1060 38.64 4.81 10.14
C GLY A 1060 37.58 5.07 9.11
N HIS A 1061 36.86 6.19 9.21
CA HIS A 1061 35.80 6.47 8.26
C HIS A 1061 36.35 6.82 6.88
N LEU A 1062 37.54 7.41 6.82
CA LEU A 1062 38.19 7.61 5.53
C LEU A 1062 38.52 6.27 4.87
N CYS A 1063 38.99 5.30 5.65
CA CYS A 1063 39.22 3.96 5.12
C CYS A 1063 37.92 3.33 4.65
N ALA A 1064 36.83 3.55 5.39
CA ALA A 1064 35.54 3.06 4.96
C ALA A 1064 35.13 3.67 3.63
N LEU A 1065 35.37 4.97 3.46
CA LEU A 1065 35.03 5.63 2.19
C LEU A 1065 35.87 5.09 1.04
N ALA A 1066 37.16 4.84 1.29
CA ALA A 1066 38.01 4.26 0.25
C ALA A 1066 37.52 2.87 -0.15
N ASP A 1067 37.16 2.05 0.83
CA ASP A 1067 36.62 0.72 0.53
C ASP A 1067 35.30 0.84 -0.22
N PHE A 1068 34.49 1.85 0.11
CA PHE A 1068 33.24 2.07 -0.63
C PHE A 1068 33.51 2.40 -2.09
N SER A 1069 34.52 3.24 -2.35
CA SER A 1069 34.85 3.55 -3.74
C SER A 1069 35.32 2.31 -4.49
N LEU A 1070 36.17 1.49 -3.84
CA LEU A 1070 36.62 0.26 -4.49
C LEU A 1070 35.45 -0.68 -4.77
N ALA A 1071 34.51 -0.79 -3.82
CA ALA A 1071 33.34 -1.63 -4.01
C ALA A 1071 32.46 -1.10 -5.14
N LEU A 1072 32.36 0.23 -5.26
CA LEU A 1072 31.62 0.81 -6.38
C LEU A 1072 32.27 0.42 -7.71
N THR A 1073 33.59 0.47 -7.77
CA THR A 1073 34.29 0.05 -8.99
C THR A 1073 34.00 -1.42 -9.31
N GLU A 1074 34.05 -2.27 -8.29
CA GLU A 1074 33.77 -3.69 -8.50
C GLU A 1074 32.34 -3.90 -9.01
N SER A 1075 31.38 -3.18 -8.42
CA SER A 1075 29.99 -3.32 -8.83
C SER A 1075 29.77 -2.86 -10.27
N ILE A 1076 30.41 -1.76 -10.65
CA ILE A 1076 30.24 -1.29 -12.03
C ILE A 1076 30.88 -2.28 -13.00
N GLN A 1077 32.00 -2.89 -12.62
CA GLN A 1077 32.60 -3.93 -13.46
C GLN A 1077 31.67 -5.11 -13.62
N GLU A 1078 31.04 -5.54 -12.52
CA GLU A 1078 30.13 -6.68 -12.59
C GLU A 1078 28.93 -6.39 -13.47
N ILE A 1079 28.34 -5.20 -13.34
CA ILE A 1079 27.16 -4.92 -14.15
C ILE A 1079 27.53 -4.69 -15.61
N ASN A 1080 28.75 -4.21 -15.86
CA ASN A 1080 29.24 -4.19 -17.24
C ASN A 1080 29.35 -5.59 -17.80
N LYS A 1081 29.83 -6.54 -16.99
CA LYS A 1081 29.90 -7.93 -17.44
C LYS A 1081 28.52 -8.48 -17.74
N HIS A 1082 27.53 -8.18 -16.89
CA HIS A 1082 26.18 -8.69 -17.11
C HIS A 1082 25.54 -8.07 -18.35
N SER A 1083 25.80 -6.78 -18.60
CA SER A 1083 25.33 -6.13 -19.80
C SER A 1083 26.34 -6.35 -20.93
N PHE A 1084 26.22 -5.60 -22.02
CA PHE A 1084 27.09 -5.75 -23.17
C PHE A 1084 27.70 -4.43 -23.58
N ASN A 1085 28.18 -3.66 -22.60
CA ASN A 1085 28.87 -2.40 -22.89
C ASN A 1085 29.82 -2.09 -21.75
N ASN A 1086 30.75 -1.17 -22.00
CA ASN A 1086 31.80 -0.83 -21.07
C ASN A 1086 31.51 0.51 -20.41
N PHE A 1087 31.58 0.55 -19.08
CA PHE A 1087 31.38 1.74 -18.30
C PHE A 1087 32.55 1.92 -17.34
N GLU A 1088 32.93 3.17 -17.11
CA GLU A 1088 34.07 3.49 -16.27
C GLU A 1088 33.67 4.56 -15.25
N LEU A 1089 34.27 4.47 -14.07
CA LEU A 1089 33.95 5.34 -12.95
C LEU A 1089 35.11 6.29 -12.67
N ARG A 1090 34.79 7.57 -12.55
CA ARG A 1090 35.74 8.59 -12.10
C ARG A 1090 35.44 8.92 -10.64
N ILE A 1091 36.40 8.63 -9.77
CA ILE A 1091 36.20 8.75 -8.32
C ILE A 1091 37.07 9.89 -7.81
N GLY A 1092 36.45 10.81 -7.06
CA GLY A 1092 37.17 11.90 -6.44
C GLY A 1092 36.90 11.97 -4.94
N ILE A 1093 37.97 11.96 -4.15
CA ILE A 1093 37.86 11.93 -2.70
C ILE A 1093 38.52 13.18 -2.14
N SER A 1094 38.11 13.58 -0.95
CA SER A 1094 38.80 14.62 -0.17
C SER A 1094 38.38 14.49 1.28
N HIS A 1095 39.14 15.15 2.15
CA HIS A 1095 38.87 15.14 3.59
C HIS A 1095 39.06 16.54 4.14
N GLY A 1096 38.25 16.90 5.13
CA GLY A 1096 38.32 18.23 5.71
C GLY A 1096 37.12 18.52 6.59
N SER A 1097 36.80 19.80 6.71
CA SER A 1097 35.68 20.26 7.51
C SER A 1097 34.57 20.77 6.59
N VAL A 1098 33.34 20.36 6.88
CA VAL A 1098 32.18 20.70 6.06
C VAL A 1098 31.14 21.37 6.94
N VAL A 1099 30.12 21.92 6.29
CA VAL A 1099 28.94 22.45 6.97
C VAL A 1099 27.72 21.77 6.38
N ALA A 1100 26.95 21.08 7.21
CA ALA A 1100 25.81 20.29 6.77
C ALA A 1100 24.52 20.92 7.26
N GLY A 1101 23.56 21.09 6.36
CA GLY A 1101 22.30 21.68 6.73
C GLY A 1101 21.36 21.75 5.54
N VAL A 1102 20.17 22.25 5.81
CA VAL A 1102 19.12 22.37 4.80
C VAL A 1102 19.10 23.81 4.29
N ILE A 1103 19.08 23.96 2.96
CA ILE A 1103 19.10 25.28 2.36
C ILE A 1103 17.70 25.78 1.99
N GLY A 1104 16.71 24.90 1.98
CA GLY A 1104 15.35 25.31 1.67
C GLY A 1104 14.38 24.94 2.78
N ALA A 1105 13.80 25.95 3.43
CA ALA A 1105 12.87 25.69 4.52
C ALA A 1105 11.61 25.00 4.02
N LYS A 1106 11.07 25.45 2.89
CA LYS A 1106 9.83 24.87 2.38
C LYS A 1106 10.04 23.43 1.92
N LYS A 1107 11.07 23.19 1.11
CA LYS A 1107 11.39 21.85 0.64
C LYS A 1107 12.70 21.39 1.26
N PRO A 1108 12.67 20.49 2.24
CA PRO A 1108 13.90 20.11 2.95
C PRO A 1108 14.74 19.15 2.12
N GLN A 1109 15.92 19.59 1.72
CA GLN A 1109 16.89 18.77 1.01
C GLN A 1109 18.21 18.85 1.76
N TYR A 1110 18.64 17.73 2.35
CA TYR A 1110 19.90 17.70 3.07
C TYR A 1110 21.07 17.91 2.11
N ASP A 1111 22.00 18.75 2.52
CA ASP A 1111 23.14 19.10 1.67
C ASP A 1111 24.30 19.52 2.55
N ILE A 1112 25.51 19.50 1.97
CA ILE A 1112 26.71 19.93 2.67
C ILE A 1112 27.45 20.94 1.82
N TRP A 1113 28.24 21.78 2.49
CA TRP A 1113 29.01 22.84 1.85
C TRP A 1113 30.39 22.91 2.48
N GLY A 1114 31.26 23.66 1.84
CA GLY A 1114 32.59 23.88 2.35
C GLY A 1114 33.58 24.05 1.21
N LYS A 1115 34.86 24.05 1.58
CA LYS A 1115 35.92 24.11 0.60
C LYS A 1115 36.38 22.73 0.14
N THR A 1116 36.31 21.73 1.02
CA THR A 1116 36.67 20.38 0.62
C THR A 1116 35.67 19.78 -0.37
N VAL A 1117 34.42 20.24 -0.33
CA VAL A 1117 33.43 19.76 -1.29
C VAL A 1117 33.80 20.22 -2.70
N ASN A 1118 34.14 21.50 -2.85
CA ASN A 1118 34.55 22.01 -4.15
C ASN A 1118 35.83 21.34 -4.61
N LEU A 1119 36.76 21.08 -3.68
CA LEU A 1119 37.98 20.39 -4.04
C LEU A 1119 37.68 18.98 -4.53
N ALA A 1120 36.77 18.27 -3.87
CA ALA A 1120 36.39 16.93 -4.32
C ALA A 1120 35.74 16.96 -5.69
N SER A 1121 34.85 17.92 -5.93
CA SER A 1121 34.20 18.01 -7.24
C SER A 1121 35.22 18.32 -8.33
N ARG A 1122 36.17 19.21 -8.04
CA ARG A 1122 37.20 19.53 -9.02
C ARG A 1122 38.10 18.33 -9.27
N MET A 1123 38.43 17.57 -8.23
CA MET A 1123 39.28 16.41 -8.41
C MET A 1123 38.57 15.32 -9.20
N ASP A 1124 37.25 15.19 -9.02
CA ASP A 1124 36.50 14.27 -9.86
C ASP A 1124 36.46 14.74 -11.31
N SER A 1125 36.22 16.03 -11.53
CA SER A 1125 36.16 16.56 -12.88
C SER A 1125 37.50 16.44 -13.59
N THR A 1126 38.59 16.76 -12.90
CA THR A 1126 39.93 16.68 -13.49
C THR A 1126 40.55 15.34 -13.08
N GLY A 1127 40.16 14.30 -13.82
CA GLY A 1127 40.65 12.96 -13.55
C GLY A 1127 40.53 12.10 -14.78
N VAL A 1128 41.07 10.89 -14.67
CA VAL A 1128 41.06 9.92 -15.75
C VAL A 1128 40.11 8.78 -15.38
N SER A 1129 39.33 8.33 -16.35
CA SER A 1129 38.31 7.31 -16.09
C SER A 1129 38.96 6.01 -15.64
N GLY A 1130 38.31 5.36 -14.67
CA GLY A 1130 38.80 4.12 -14.13
C GLY A 1130 39.80 4.26 -13.00
N ARG A 1131 40.17 5.49 -12.63
CA ARG A 1131 41.17 5.71 -11.60
C ARG A 1131 40.63 6.70 -10.57
N ILE A 1132 41.12 6.56 -9.34
CA ILE A 1132 40.68 7.35 -8.21
C ILE A 1132 41.75 8.36 -7.84
N GLN A 1133 41.37 9.63 -7.76
CA GLN A 1133 42.27 10.73 -7.43
C GLN A 1133 42.02 11.17 -5.99
N VAL A 1134 43.08 11.28 -5.21
CA VAL A 1134 42.97 11.50 -3.77
C VAL A 1134 43.91 12.63 -3.33
N PRO A 1135 43.52 13.47 -2.37
CA PRO A 1135 44.45 14.45 -1.80
C PRO A 1135 45.47 13.81 -0.88
N GLU A 1136 46.23 14.66 -0.17
CA GLU A 1136 47.29 14.22 0.74
C GLU A 1136 46.89 12.97 1.52
N GLU A 1137 47.73 11.94 1.41
CA GLU A 1137 47.44 10.63 1.99
C GLU A 1137 47.77 10.67 3.47
N THR A 1138 46.73 10.75 4.30
CA THR A 1138 46.88 10.73 5.74
C THR A 1138 46.91 9.32 6.31
N TYR A 1139 46.68 8.30 5.49
CA TYR A 1139 46.60 6.93 5.93
C TYR A 1139 47.74 6.09 5.36
N LEU A 1140 48.21 5.14 6.16
CA LEU A 1140 49.22 4.18 5.75
C LEU A 1140 48.68 2.76 5.67
N ILE A 1141 47.41 2.56 6.02
CA ILE A 1141 46.83 1.21 6.00
C ILE A 1141 46.80 0.66 4.59
N LEU A 1142 46.35 1.46 3.62
CA LEU A 1142 46.25 1.05 2.23
C LEU A 1142 47.22 1.88 1.39
N LYS A 1143 48.00 1.19 0.55
CA LYS A 1143 49.07 1.84 -0.18
C LYS A 1143 48.57 2.43 -1.49
N ASP A 1144 48.98 3.67 -1.78
CA ASP A 1144 48.62 4.41 -2.97
C ASP A 1144 49.81 4.54 -3.92
N GLN A 1145 49.62 5.25 -5.03
CA GLN A 1145 50.66 5.44 -6.03
C GLN A 1145 50.27 6.62 -6.91
N GLY A 1146 51.17 7.03 -7.79
CA GLY A 1146 50.95 8.21 -8.61
C GLY A 1146 51.16 9.53 -7.89
N PHE A 1147 52.18 9.60 -7.02
CA PHE A 1147 52.45 10.83 -6.28
C PHE A 1147 52.75 12.01 -7.21
N ALA A 1148 53.41 11.75 -8.33
CA ALA A 1148 53.75 12.82 -9.27
C ALA A 1148 52.66 13.09 -10.29
N PHE A 1149 51.45 13.44 -9.85
CA PHE A 1149 50.38 13.72 -10.82
C PHE A 1149 50.28 15.21 -11.09
N ASP A 1150 50.34 16.04 -10.04
CA ASP A 1150 50.46 17.49 -10.18
C ASP A 1150 49.28 18.09 -10.94
N TYR A 1151 48.09 18.02 -10.36
CA TYR A 1151 46.88 18.53 -11.00
C TYR A 1151 46.60 19.92 -10.45
N ARG A 1152 46.38 20.87 -11.36
CA ARG A 1152 46.28 22.26 -10.94
C ARG A 1152 44.95 22.54 -10.25
N GLY A 1153 43.88 21.88 -10.72
CA GLY A 1153 42.59 22.05 -10.07
C GLY A 1153 42.01 23.45 -10.27
N GLU A 1154 41.30 23.92 -9.24
CA GLU A 1154 40.68 25.23 -9.26
C GLU A 1154 41.27 26.20 -8.25
N ILE A 1155 41.83 25.72 -7.14
CA ILE A 1155 42.33 26.62 -6.10
C ILE A 1155 43.73 27.08 -6.48
N TYR A 1156 44.68 26.14 -6.49
CA TYR A 1156 46.07 26.38 -6.85
C TYR A 1156 46.70 25.05 -7.26
N VAL A 1157 47.83 25.13 -7.95
CA VAL A 1157 48.57 23.93 -8.33
C VAL A 1157 48.98 23.16 -7.08
N LYS A 1158 48.72 21.85 -7.07
CA LYS A 1158 49.08 21.00 -5.94
C LYS A 1158 49.27 19.57 -6.46
N GLY A 1159 50.43 18.99 -6.18
CA GLY A 1159 50.73 17.64 -6.63
C GLY A 1159 50.48 16.62 -5.54
N ILE A 1160 49.50 15.74 -5.77
CA ILE A 1160 49.19 14.65 -4.85
C ILE A 1160 48.87 13.39 -5.65
N SER A 1161 48.79 12.27 -4.93
CA SER A 1161 48.82 10.93 -5.51
C SER A 1161 47.45 10.50 -6.03
N GLU A 1162 47.40 9.25 -6.52
CA GLU A 1162 46.22 8.53 -6.94
C GLU A 1162 45.97 7.35 -5.99
N GLN A 1163 44.86 6.63 -6.21
CA GLN A 1163 44.37 5.63 -5.27
C GLN A 1163 44.22 4.28 -5.95
N GLU A 1164 45.08 3.34 -5.59
CA GLU A 1164 44.96 1.94 -5.98
C GLU A 1164 44.24 1.15 -4.88
N GLY A 1165 44.34 -0.18 -4.94
CA GLY A 1165 43.73 -1.02 -3.93
C GLY A 1165 44.47 -0.94 -2.60
N LYS A 1166 44.05 -1.83 -1.70
CA LYS A 1166 44.62 -1.85 -0.35
C LYS A 1166 46.10 -2.19 -0.36
N ILE A 1167 46.49 -3.18 -1.17
CA ILE A 1167 47.89 -3.60 -1.24
C ILE A 1167 48.64 -2.76 -2.26
N VAL B 36 -5.24 -4.89 -24.56
CA VAL B 36 -4.95 -6.08 -25.34
C VAL B 36 -3.44 -6.29 -25.45
N TYR B 37 -2.69 -5.51 -24.69
CA TYR B 37 -1.23 -5.62 -24.72
C TYR B 37 -0.76 -6.97 -24.20
N ARG B 38 -1.42 -7.49 -23.16
CA ARG B 38 -1.04 -8.78 -22.61
C ARG B 38 -1.30 -9.91 -23.59
N ALA B 39 -2.37 -9.80 -24.39
CA ALA B 39 -2.67 -10.84 -25.37
C ALA B 39 -1.56 -10.95 -26.42
N THR B 40 -1.02 -9.82 -26.85
CA THR B 40 0.05 -9.83 -27.83
C THR B 40 1.31 -10.47 -27.26
N HIS B 41 2.02 -11.20 -28.10
CA HIS B 41 3.25 -11.88 -27.72
C HIS B 41 4.44 -11.16 -28.33
N ARG B 42 5.48 -10.95 -27.52
CA ARG B 42 6.70 -10.28 -27.96
C ARG B 42 7.82 -11.32 -28.03
N LEU B 43 8.42 -11.45 -29.21
CA LEU B 43 9.51 -12.39 -29.43
C LEU B 43 10.67 -11.65 -30.09
N LEU B 44 11.88 -11.95 -29.66
CA LEU B 44 13.08 -11.32 -30.20
C LEU B 44 14.08 -12.40 -30.59
N LEU B 45 14.85 -12.11 -31.65
CA LEU B 45 15.80 -13.05 -32.21
C LEU B 45 17.21 -12.61 -31.84
N LEU B 46 17.73 -13.15 -30.73
CA LEU B 46 19.07 -12.87 -30.29
C LEU B 46 20.02 -13.94 -30.81
N GLY B 47 21.06 -13.53 -31.52
CA GLY B 47 22.03 -14.48 -32.05
C GLY B 47 23.26 -13.76 -32.54
N ALA B 48 24.29 -14.54 -32.83
CA ALA B 48 25.55 -13.98 -33.29
C ALA B 48 25.41 -13.46 -34.72
N GLY B 49 26.52 -12.97 -35.27
CA GLY B 49 26.50 -12.43 -36.61
C GLY B 49 26.28 -13.51 -37.66
N GLU B 50 25.58 -13.13 -38.73
CA GLU B 50 25.27 -14.02 -39.85
C GLU B 50 24.59 -15.31 -39.37
N SER B 51 23.65 -15.16 -38.43
CA SER B 51 22.94 -16.31 -37.88
C SER B 51 21.63 -16.61 -38.61
N GLY B 52 21.23 -15.77 -39.56
CA GLY B 52 20.01 -16.02 -40.31
C GLY B 52 18.73 -15.58 -39.66
N LYS B 53 18.79 -14.78 -38.60
CA LYS B 53 17.57 -14.32 -37.96
C LYS B 53 16.75 -13.40 -38.86
N SER B 54 17.42 -12.54 -39.63
CA SER B 54 16.71 -11.68 -40.56
C SER B 54 16.02 -12.50 -41.65
N THR B 55 16.68 -13.57 -42.11
CA THR B 55 16.03 -14.47 -43.06
C THR B 55 14.80 -15.12 -42.45
N ILE B 56 14.88 -15.50 -41.18
CA ILE B 56 13.72 -16.06 -40.48
C ILE B 56 12.59 -15.05 -40.44
N VAL B 57 12.92 -13.78 -40.16
CA VAL B 57 11.89 -12.74 -40.11
C VAL B 57 11.25 -12.56 -41.49
N LYS B 58 12.06 -12.55 -42.54
CA LYS B 58 11.52 -12.40 -43.90
C LYS B 58 10.60 -13.56 -44.25
N GLN B 59 11.03 -14.79 -43.93
CA GLN B 59 10.20 -15.96 -44.24
C GLN B 59 8.89 -15.93 -43.45
N MET B 60 8.96 -15.52 -42.19
CA MET B 60 7.74 -15.40 -41.39
C MET B 60 6.82 -14.33 -41.95
N ARG B 61 7.40 -13.22 -42.43
CA ARG B 61 6.59 -12.15 -43.00
C ARG B 61 5.87 -12.62 -44.27
N ILE B 62 6.57 -13.33 -45.14
CA ILE B 62 5.93 -13.80 -46.36
C ILE B 62 5.01 -14.98 -46.09
N LEU B 63 5.17 -15.67 -44.96
CA LEU B 63 4.25 -16.74 -44.60
C LEU B 63 2.86 -16.19 -44.31
N HIS B 64 2.79 -15.17 -43.45
CA HIS B 64 1.53 -14.55 -43.08
C HIS B 64 1.71 -13.04 -43.05
N VAL B 65 0.84 -12.33 -43.75
CA VAL B 65 0.92 -10.88 -43.81
C VAL B 65 -0.10 -10.26 -42.85
N LYS B 89 10.86 -4.65 -55.28
CA LYS B 89 11.15 -3.49 -56.12
C LYS B 89 12.59 -3.53 -56.62
N ALA B 90 12.99 -2.48 -57.35
CA ALA B 90 14.32 -2.44 -57.93
C ALA B 90 15.42 -2.38 -56.87
N THR B 91 15.12 -1.89 -55.67
CA THR B 91 16.13 -1.85 -54.61
C THR B 91 16.60 -3.25 -54.25
N LYS B 92 15.67 -4.20 -54.16
CA LYS B 92 16.05 -5.59 -53.88
C LYS B 92 16.95 -6.15 -54.98
N VAL B 93 16.61 -5.84 -56.24
CA VAL B 93 17.47 -6.25 -57.35
C VAL B 93 18.86 -5.67 -57.18
N GLN B 94 18.94 -4.41 -56.75
CA GLN B 94 20.23 -3.78 -56.51
C GLN B 94 21.02 -4.51 -55.42
N ASP B 95 20.33 -4.91 -54.34
CA ASP B 95 21.06 -5.63 -53.29
C ASP B 95 21.52 -7.00 -53.74
N ILE B 96 20.73 -7.69 -54.58
CA ILE B 96 21.21 -8.96 -55.15
C ILE B 96 22.46 -8.72 -55.99
N LYS B 97 22.44 -7.69 -56.83
CA LYS B 97 23.62 -7.38 -57.64
C LYS B 97 24.82 -7.07 -56.75
N ASN B 98 24.62 -6.30 -55.68
CA ASN B 98 25.72 -5.97 -54.77
C ASN B 98 26.24 -7.21 -54.05
N ASN B 99 25.36 -8.13 -53.68
CA ASN B 99 25.80 -9.34 -53.00
C ASN B 99 26.66 -10.20 -53.93
N LEU B 100 26.19 -10.41 -55.16
CA LEU B 100 27.01 -11.15 -56.13
C LEU B 100 28.32 -10.43 -56.38
N LYS B 101 28.28 -9.10 -56.42
CA LYS B 101 29.47 -8.29 -56.65
C LYS B 101 30.50 -8.53 -55.56
N GLU B 102 30.05 -8.45 -54.30
CA GLU B 102 30.93 -8.65 -53.16
C GLU B 102 31.49 -10.07 -53.17
N ALA B 103 30.65 -11.05 -53.51
CA ALA B 103 31.12 -12.44 -53.55
C ALA B 103 32.25 -12.61 -54.56
N ILE B 104 32.05 -12.12 -55.79
CA ILE B 104 33.06 -12.34 -56.82
C ILE B 104 34.33 -11.56 -56.50
N GLU B 105 34.19 -10.34 -55.96
CA GLU B 105 35.38 -9.57 -55.61
C GLU B 105 36.16 -10.24 -54.49
N THR B 106 35.47 -10.81 -53.50
CA THR B 106 36.17 -11.48 -52.42
C THR B 106 36.85 -12.76 -52.89
N ILE B 107 36.21 -13.50 -53.80
CA ILE B 107 36.86 -14.69 -54.36
C ILE B 107 38.12 -14.31 -55.12
N VAL B 108 38.03 -13.26 -55.95
CA VAL B 108 39.19 -12.86 -56.73
C VAL B 108 40.32 -12.39 -55.80
N ALA B 109 39.98 -11.65 -54.74
CA ALA B 109 40.99 -11.22 -53.80
C ALA B 109 41.61 -12.42 -53.06
N ALA B 110 40.79 -13.37 -52.65
CA ALA B 110 41.29 -14.54 -51.93
C ALA B 110 42.09 -15.48 -52.82
N MET B 111 42.00 -15.32 -54.15
CA MET B 111 42.93 -16.02 -55.03
C MET B 111 44.38 -15.81 -54.61
N SER B 112 44.74 -14.58 -54.22
CA SER B 112 46.11 -14.26 -53.86
C SER B 112 46.30 -13.88 -52.40
N ASN B 113 45.24 -13.58 -51.66
CA ASN B 113 45.42 -13.13 -50.27
C ASN B 113 45.83 -14.27 -49.34
N LEU B 114 45.40 -15.49 -49.63
CA LEU B 114 45.67 -16.60 -48.73
C LEU B 114 47.15 -16.94 -48.69
N VAL B 115 47.60 -17.38 -47.50
CA VAL B 115 48.97 -17.85 -47.37
C VAL B 115 49.25 -19.06 -48.27
N PRO B 116 48.40 -20.09 -48.30
CA PRO B 116 48.60 -21.16 -49.30
C PRO B 116 48.08 -20.72 -50.65
N PRO B 117 48.96 -20.56 -51.63
CA PRO B 117 48.52 -20.09 -52.95
C PRO B 117 47.58 -21.09 -53.60
N VAL B 118 46.60 -20.54 -54.33
CA VAL B 118 45.64 -21.35 -55.07
C VAL B 118 46.01 -21.33 -56.55
N GLU B 119 46.10 -22.51 -57.15
CA GLU B 119 46.48 -22.60 -58.55
C GLU B 119 45.43 -21.92 -59.43
N LEU B 120 45.91 -21.31 -60.51
CA LEU B 120 45.05 -20.56 -61.41
C LEU B 120 44.62 -21.42 -62.58
N ALA B 121 43.73 -20.85 -63.40
CA ALA B 121 43.31 -21.48 -64.65
C ALA B 121 44.35 -21.27 -65.72
N ASN B 122 43.98 -21.47 -66.98
CA ASN B 122 44.89 -21.24 -68.09
C ASN B 122 45.42 -19.80 -68.02
N PRO B 123 46.74 -19.60 -68.09
CA PRO B 123 47.29 -18.24 -67.91
C PRO B 123 46.74 -17.23 -68.89
N GLU B 124 46.29 -17.65 -70.07
CA GLU B 124 45.72 -16.71 -71.03
C GLU B 124 44.47 -16.06 -70.46
N ASN B 125 43.67 -16.81 -69.70
CA ASN B 125 42.45 -16.28 -69.10
C ASN B 125 42.74 -15.64 -67.74
N GLN B 126 43.55 -14.59 -67.77
CA GLN B 126 43.97 -13.88 -66.57
C GLN B 126 43.56 -12.42 -66.54
N PHE B 127 43.41 -11.77 -67.69
CA PHE B 127 42.98 -10.37 -67.73
C PHE B 127 41.64 -10.19 -67.03
N ARG B 128 40.81 -11.24 -67.01
CA ARG B 128 39.56 -11.18 -66.25
C ARG B 128 39.83 -10.96 -64.77
N VAL B 129 40.81 -11.68 -64.22
CA VAL B 129 41.18 -11.51 -62.81
C VAL B 129 41.65 -10.08 -62.56
N ASP B 130 42.46 -9.54 -63.47
CA ASP B 130 42.94 -8.17 -63.32
C ASP B 130 41.77 -7.19 -63.35
N TYR B 131 40.79 -7.43 -64.22
CA TYR B 131 39.63 -6.53 -64.29
C TYR B 131 38.83 -6.56 -62.99
N ILE B 132 38.58 -7.75 -62.46
CA ILE B 132 37.85 -7.84 -61.19
C ILE B 132 38.63 -7.18 -60.07
N LEU B 133 39.95 -7.37 -60.04
CA LEU B 133 40.77 -6.71 -59.02
C LEU B 133 40.70 -5.20 -59.16
N SER B 134 40.73 -4.69 -60.38
CA SER B 134 40.74 -3.25 -60.61
C SER B 134 39.43 -2.62 -60.18
N VAL B 135 38.30 -3.20 -60.62
CA VAL B 135 37.02 -2.58 -60.29
C VAL B 135 36.65 -2.79 -58.82
N MET B 136 37.25 -3.77 -58.16
CA MET B 136 36.96 -3.99 -56.74
C MET B 136 37.34 -2.77 -55.90
N ASN B 137 38.49 -2.16 -56.20
CA ASN B 137 38.91 -0.97 -55.47
C ASN B 137 37.99 0.22 -55.74
N VAL B 138 37.29 0.21 -56.88
CA VAL B 138 36.43 1.35 -57.24
C VAL B 138 35.25 1.41 -56.27
N PRO B 139 35.02 2.55 -55.62
CA PRO B 139 33.87 2.63 -54.70
C PRO B 139 32.52 2.39 -55.38
N ASP B 140 32.37 2.82 -56.62
CA ASP B 140 31.15 2.65 -57.38
C ASP B 140 31.40 1.58 -58.44
N PHE B 141 31.14 0.33 -58.10
CA PHE B 141 31.44 -0.78 -58.99
C PHE B 141 30.53 -0.69 -60.22
N ASP B 142 31.12 -0.91 -61.40
CA ASP B 142 30.33 -0.84 -62.63
C ASP B 142 29.48 -2.10 -62.79
N PHE B 143 28.45 -1.99 -63.64
CA PHE B 143 27.60 -3.12 -63.99
C PHE B 143 27.41 -3.18 -65.51
N PRO B 144 28.47 -3.42 -66.27
CA PRO B 144 28.32 -3.61 -67.71
C PRO B 144 28.20 -5.10 -68.04
N PRO B 145 27.72 -5.44 -69.24
CA PRO B 145 27.72 -6.85 -69.64
C PRO B 145 29.09 -7.49 -69.66
N GLU B 146 30.14 -6.71 -69.95
CA GLU B 146 31.49 -7.25 -69.98
C GLU B 146 31.93 -7.74 -68.60
N PHE B 147 31.55 -7.01 -67.55
CA PHE B 147 31.89 -7.45 -66.20
C PHE B 147 31.20 -8.77 -65.86
N TYR B 148 29.93 -8.91 -66.27
CA TYR B 148 29.23 -10.16 -66.01
C TYR B 148 29.85 -11.31 -66.81
N GLU B 149 30.29 -11.03 -68.03
CA GLU B 149 31.02 -12.05 -68.79
C GLU B 149 32.31 -12.46 -68.06
N HIS B 150 33.03 -11.47 -67.53
CA HIS B 150 34.22 -11.76 -66.73
C HIS B 150 33.88 -12.65 -65.54
N ALA B 151 32.82 -12.30 -64.81
CA ALA B 151 32.44 -13.05 -63.62
C ALA B 151 32.05 -14.47 -63.97
N LYS B 152 31.31 -14.66 -65.06
CA LYS B 152 30.96 -16.00 -65.49
C LYS B 152 32.20 -16.79 -65.88
N ALA B 153 33.15 -16.13 -66.57
CA ALA B 153 34.38 -16.81 -66.96
C ALA B 153 35.15 -17.29 -65.74
N LEU B 154 35.25 -16.45 -64.70
CA LEU B 154 35.85 -16.90 -63.45
C LEU B 154 35.07 -18.06 -62.86
N TRP B 155 33.74 -17.95 -62.79
CA TRP B 155 32.95 -18.94 -62.07
C TRP B 155 33.06 -20.31 -62.73
N GLU B 156 33.15 -20.36 -64.06
CA GLU B 156 33.32 -21.65 -64.72
C GLU B 156 34.72 -22.21 -64.58
N ASP B 157 35.71 -21.37 -64.26
CA ASP B 157 37.09 -21.84 -64.15
C ASP B 157 37.25 -22.80 -62.98
N GLU B 158 38.13 -23.79 -63.15
CA GLU B 158 38.34 -24.79 -62.12
C GLU B 158 39.19 -24.27 -60.97
N GLY B 159 40.17 -23.40 -61.26
CA GLY B 159 40.94 -22.80 -60.18
C GLY B 159 40.08 -21.94 -59.28
N VAL B 160 39.16 -21.18 -59.86
CA VAL B 160 38.23 -20.39 -59.05
C VAL B 160 37.31 -21.31 -58.26
N ARG B 161 36.93 -22.45 -58.84
CA ARG B 161 36.13 -23.42 -58.09
C ARG B 161 36.88 -23.94 -56.88
N ALA B 162 38.17 -24.27 -57.06
CA ALA B 162 38.97 -24.74 -55.93
C ALA B 162 39.15 -23.65 -54.89
N CYS B 163 39.32 -22.40 -55.32
CA CYS B 163 39.43 -21.30 -54.38
C CYS B 163 38.14 -21.14 -53.59
N TYR B 164 36.98 -21.29 -54.25
CA TYR B 164 35.70 -21.21 -53.54
C TYR B 164 35.55 -22.35 -52.56
N GLU B 165 36.03 -23.54 -52.90
CA GLU B 165 35.92 -24.68 -52.00
C GLU B 165 36.71 -24.47 -50.71
N ARG B 166 37.66 -23.53 -50.71
CA ARG B 166 38.40 -23.17 -49.50
C ARG B 166 37.90 -21.86 -48.90
N SER B 167 36.60 -21.60 -48.98
CA SER B 167 36.05 -20.34 -48.50
C SER B 167 36.11 -20.20 -46.98
N ASN B 168 36.32 -21.29 -46.26
CA ASN B 168 36.35 -21.21 -44.80
C ASN B 168 37.62 -20.54 -44.28
N GLU B 169 38.67 -20.47 -45.09
CA GLU B 169 39.90 -19.81 -44.65
C GLU B 169 39.69 -18.31 -44.49
N TYR B 170 39.05 -17.68 -45.47
CA TYR B 170 38.77 -16.26 -45.44
C TYR B 170 37.29 -16.03 -45.09
N GLN B 171 36.84 -14.79 -45.20
CA GLN B 171 35.47 -14.43 -44.90
C GLN B 171 34.70 -14.20 -46.20
N LEU B 172 33.60 -14.93 -46.38
CA LEU B 172 32.77 -14.79 -47.55
C LEU B 172 31.33 -15.12 -47.18
N ILE B 173 30.38 -14.41 -47.80
CA ILE B 173 28.98 -14.65 -47.52
C ILE B 173 28.61 -16.08 -47.91
N ASP B 174 27.66 -16.66 -47.17
CA ASP B 174 27.29 -18.06 -47.39
C ASP B 174 26.44 -18.24 -48.64
N CYS B 175 25.81 -17.18 -49.13
CA CYS B 175 24.98 -17.24 -50.33
C CYS B 175 25.77 -16.98 -51.61
N ALA B 176 27.08 -17.23 -51.59
CA ALA B 176 27.91 -16.90 -52.75
C ALA B 176 27.58 -17.78 -53.95
N GLN B 177 27.49 -19.09 -53.74
CA GLN B 177 27.32 -20.00 -54.87
C GLN B 177 25.95 -19.87 -55.50
N TYR B 178 24.92 -19.55 -54.72
CA TYR B 178 23.57 -19.40 -55.28
C TYR B 178 23.53 -18.27 -56.29
N PHE B 179 24.13 -17.13 -55.95
CA PHE B 179 24.15 -16.00 -56.87
C PHE B 179 25.18 -16.19 -57.98
N LEU B 180 26.26 -16.92 -57.69
CA LEU B 180 27.26 -17.22 -58.71
C LEU B 180 26.69 -18.13 -59.80
N ASP B 181 25.77 -19.02 -59.44
CA ASP B 181 25.07 -19.79 -60.46
C ASP B 181 24.06 -18.95 -61.24
N LYS B 182 23.83 -17.70 -60.81
CA LYS B 182 22.84 -16.84 -61.42
C LYS B 182 23.46 -15.74 -62.28
N ILE B 183 24.74 -15.83 -62.62
CA ILE B 183 25.36 -14.80 -63.45
C ILE B 183 24.69 -14.75 -64.82
N ASP B 184 24.41 -15.92 -65.39
CA ASP B 184 23.83 -15.96 -66.73
C ASP B 184 22.47 -15.25 -66.78
N VAL B 185 21.65 -15.43 -65.74
CA VAL B 185 20.34 -14.78 -65.74
C VAL B 185 20.45 -13.33 -65.28
N ILE B 186 21.39 -13.02 -64.37
CA ILE B 186 21.58 -11.63 -63.94
C ILE B 186 22.35 -10.81 -64.95
N LYS B 187 23.00 -11.45 -65.94
CA LYS B 187 23.77 -10.70 -66.92
C LYS B 187 22.88 -9.79 -67.75
N GLN B 188 21.67 -10.26 -68.09
CA GLN B 188 20.75 -9.45 -68.88
C GLN B 188 20.17 -8.29 -68.07
N ASP B 189 20.14 -8.39 -66.74
CA ASP B 189 19.68 -7.31 -65.86
C ASP B 189 18.28 -6.84 -66.23
N ASP B 190 17.39 -7.79 -66.54
CA ASP B 190 16.04 -7.46 -66.97
C ASP B 190 14.95 -8.26 -66.25
N TYR B 191 15.30 -9.11 -65.30
CA TYR B 191 14.32 -9.95 -64.62
C TYR B 191 14.16 -9.50 -63.17
N VAL B 192 13.11 -10.03 -62.55
CA VAL B 192 12.83 -9.81 -61.13
C VAL B 192 13.10 -11.12 -60.39
N PRO B 193 14.01 -11.13 -59.41
CA PRO B 193 14.27 -12.38 -58.68
C PRO B 193 13.05 -12.86 -57.90
N SER B 194 12.94 -14.17 -57.77
CA SER B 194 11.82 -14.77 -57.05
C SER B 194 12.01 -14.60 -55.55
N ASP B 195 11.00 -15.04 -54.80
CA ASP B 195 11.05 -14.94 -53.34
C ASP B 195 12.19 -15.76 -52.77
N GLN B 196 12.45 -16.95 -53.35
CA GLN B 196 13.57 -17.76 -52.90
C GLN B 196 14.89 -17.05 -53.12
N ASP B 197 15.05 -16.39 -54.28
CA ASP B 197 16.25 -15.59 -54.51
C ASP B 197 16.28 -14.36 -53.61
N LEU B 198 15.10 -13.84 -53.24
CA LEU B 198 15.06 -12.73 -52.29
C LEU B 198 15.59 -13.16 -50.92
N LEU B 199 15.24 -14.38 -50.50
CA LEU B 199 15.70 -14.88 -49.21
C LEU B 199 17.20 -15.10 -49.16
N ARG B 200 17.87 -15.16 -50.31
CA ARG B 200 19.31 -15.35 -50.36
C ARG B 200 20.08 -14.04 -50.23
N CYS B 201 19.39 -12.91 -50.13
CA CYS B 201 20.06 -11.62 -50.01
C CYS B 201 20.74 -11.48 -48.66
N ARG B 202 21.86 -10.76 -48.66
CA ARG B 202 22.66 -10.53 -47.46
C ARG B 202 22.68 -9.04 -47.17
N VAL B 203 21.96 -8.63 -46.12
CA VAL B 203 21.88 -7.24 -45.70
C VAL B 203 22.29 -7.15 -44.24
N LEU B 204 23.20 -6.23 -43.95
CA LEU B 204 23.64 -6.01 -42.57
C LEU B 204 22.55 -5.29 -41.79
N THR B 205 22.28 -5.78 -40.58
CA THR B 205 21.31 -5.17 -39.68
C THR B 205 22.06 -4.36 -38.64
N SER B 206 21.83 -3.05 -38.60
CA SER B 206 22.51 -2.18 -37.66
C SER B 206 21.71 -1.98 -36.38
N GLY B 207 20.52 -1.38 -36.49
CA GLY B 207 19.67 -1.15 -35.35
C GLY B 207 18.78 -2.35 -35.06
N ILE B 208 17.74 -2.10 -34.27
CA ILE B 208 16.74 -3.10 -33.96
C ILE B 208 15.44 -2.74 -34.66
N PHE B 209 14.72 -3.76 -35.12
CA PHE B 209 13.52 -3.56 -35.92
C PHE B 209 12.38 -4.39 -35.36
N GLU B 210 11.16 -3.88 -35.54
CA GLU B 210 9.96 -4.55 -35.06
C GLU B 210 9.02 -4.81 -36.23
N THR B 211 8.40 -6.00 -36.23
CA THR B 211 7.46 -6.39 -37.26
C THR B 211 6.18 -6.87 -36.58
N LYS B 212 5.09 -6.13 -36.75
CA LYS B 212 3.82 -6.53 -36.19
C LYS B 212 3.29 -7.77 -36.90
N PHE B 213 2.68 -8.67 -36.13
CA PHE B 213 2.28 -9.98 -36.65
C PHE B 213 0.88 -10.31 -36.16
N GLN B 214 0.19 -11.16 -36.91
CA GLN B 214 -1.17 -11.56 -36.56
C GLN B 214 -1.46 -12.90 -37.24
N VAL B 215 -1.59 -13.96 -36.43
CA VAL B 215 -1.92 -15.29 -36.93
C VAL B 215 -2.97 -15.90 -36.01
N ASP B 216 -3.98 -16.52 -36.60
CA ASP B 216 -5.11 -17.15 -35.89
C ASP B 216 -5.60 -16.28 -34.73
N LYS B 217 -6.06 -15.08 -35.10
CA LYS B 217 -6.74 -14.12 -34.23
C LYS B 217 -5.94 -13.70 -33.01
N VAL B 218 -4.66 -14.09 -32.92
CA VAL B 218 -3.79 -13.68 -31.83
C VAL B 218 -2.62 -12.90 -32.41
N ASN B 219 -2.21 -11.84 -31.72
CA ASN B 219 -1.18 -10.93 -32.22
C ASN B 219 0.19 -11.34 -31.72
N PHE B 220 1.20 -11.11 -32.56
CA PHE B 220 2.59 -11.41 -32.24
C PHE B 220 3.45 -10.20 -32.57
N HIS B 221 4.57 -10.07 -31.86
CA HIS B 221 5.51 -8.98 -32.07
C HIS B 221 6.89 -9.55 -32.33
N MET B 222 7.53 -9.06 -33.38
CA MET B 222 8.85 -9.53 -33.79
C MET B 222 9.89 -8.46 -33.44
N PHE B 223 11.11 -8.91 -33.16
CA PHE B 223 12.20 -7.99 -32.79
C PHE B 223 13.49 -8.52 -33.39
N ASP B 224 13.87 -7.96 -34.54
CA ASP B 224 15.14 -8.31 -35.17
C ASP B 224 16.23 -7.37 -34.67
N VAL B 225 17.35 -7.95 -34.21
CA VAL B 225 18.44 -7.18 -33.65
C VAL B 225 19.75 -7.64 -34.29
N GLY B 226 20.76 -6.79 -34.18
CA GLY B 226 22.06 -7.12 -34.72
C GLY B 226 22.78 -8.16 -33.89
N GLY B 227 23.87 -8.68 -34.46
CA GLY B 227 24.61 -9.74 -33.82
C GLY B 227 26.08 -9.46 -33.60
N GLN B 228 26.59 -8.41 -34.24
CA GLN B 228 27.98 -8.05 -34.09
C GLN B 228 28.27 -7.56 -32.68
N ARG B 229 29.53 -7.70 -32.26
CA ARG B 229 29.90 -7.32 -30.90
C ARG B 229 29.67 -5.84 -30.64
N ASP B 230 29.68 -5.02 -31.69
CA ASP B 230 29.42 -3.58 -31.52
C ASP B 230 27.94 -3.31 -31.26
N GLU B 231 27.06 -4.17 -31.77
CA GLU B 231 25.63 -3.96 -31.65
C GLU B 231 25.02 -4.67 -30.44
N ARG B 232 25.82 -5.42 -29.67
CA ARG B 232 25.27 -6.15 -28.53
C ARG B 232 24.88 -5.22 -27.39
N ARG B 233 25.36 -3.97 -27.39
CA ARG B 233 24.99 -3.04 -26.34
C ARG B 233 23.56 -2.52 -26.48
N LYS B 234 22.98 -2.64 -27.66
CA LYS B 234 21.61 -2.20 -27.89
C LYS B 234 20.58 -3.24 -27.47
N TRP B 235 21.01 -4.45 -27.09
CA TRP B 235 20.07 -5.51 -26.74
C TRP B 235 19.30 -5.19 -25.47
N ILE B 236 19.94 -4.51 -24.50
CA ILE B 236 19.30 -4.21 -23.24
C ILE B 236 18.07 -3.33 -23.42
N GLN B 237 17.94 -2.65 -24.57
CA GLN B 237 16.83 -1.75 -24.79
C GLN B 237 15.49 -2.49 -24.88
N CYS B 238 15.50 -3.81 -25.09
CA CYS B 238 14.26 -4.56 -25.22
C CYS B 238 14.33 -5.86 -24.43
N PHE B 239 14.87 -5.81 -23.21
CA PHE B 239 14.91 -6.95 -22.32
C PHE B 239 13.76 -6.98 -21.33
N ASN B 240 12.84 -6.03 -21.39
CA ASN B 240 11.74 -5.94 -20.46
C ASN B 240 10.51 -6.63 -21.05
N ASP B 241 9.70 -7.23 -20.16
CA ASP B 241 8.43 -7.89 -20.41
C ASP B 241 8.36 -8.58 -21.78
N VAL B 242 9.29 -9.50 -22.04
CA VAL B 242 9.34 -10.25 -23.29
C VAL B 242 8.87 -11.66 -23.01
N THR B 243 8.03 -12.18 -23.92
CA THR B 243 7.46 -13.52 -23.72
C THR B 243 8.55 -14.59 -23.78
N ALA B 244 9.36 -14.57 -24.83
CA ALA B 244 10.38 -15.61 -25.00
C ALA B 244 11.48 -15.09 -25.91
N ILE B 245 12.64 -15.76 -25.82
CA ILE B 245 13.79 -15.46 -26.65
C ILE B 245 13.95 -16.57 -27.68
N ILE B 246 14.08 -16.20 -28.94
CA ILE B 246 14.29 -17.16 -30.02
C ILE B 246 15.77 -17.06 -30.39
N PHE B 247 16.58 -17.93 -29.80
CA PHE B 247 18.01 -17.95 -30.06
C PHE B 247 18.29 -18.70 -31.36
N VAL B 248 18.98 -18.05 -32.29
CA VAL B 248 19.32 -18.63 -33.58
C VAL B 248 20.83 -18.82 -33.64
N VAL B 249 21.25 -20.03 -33.99
CA VAL B 249 22.67 -20.38 -34.07
C VAL B 249 22.93 -21.05 -35.41
N ALA B 250 23.90 -20.54 -36.15
CA ALA B 250 24.30 -21.15 -37.42
C ALA B 250 25.09 -22.41 -37.13
N SER B 251 24.42 -23.56 -37.21
CA SER B 251 25.06 -24.83 -36.87
C SER B 251 26.15 -25.21 -37.86
N SER B 252 26.15 -24.65 -39.07
CA SER B 252 27.14 -24.98 -40.07
C SER B 252 28.38 -24.10 -40.01
N SER B 253 28.39 -23.09 -39.14
CA SER B 253 29.52 -22.18 -39.03
C SER B 253 30.58 -22.67 -38.06
N TYR B 254 30.59 -23.96 -37.74
CA TYR B 254 31.62 -24.52 -36.86
C TYR B 254 33.00 -24.47 -37.49
N ASN B 255 33.09 -24.37 -38.81
CA ASN B 255 34.36 -24.39 -39.52
C ASN B 255 34.99 -23.01 -39.62
N MET B 256 34.19 -21.97 -39.84
CA MET B 256 34.69 -20.63 -40.04
C MET B 256 34.93 -19.93 -38.70
N VAL B 257 35.35 -18.67 -38.77
CA VAL B 257 35.62 -17.85 -37.60
C VAL B 257 34.90 -16.51 -37.77
N ILE B 258 34.74 -15.81 -36.65
CA ILE B 258 34.08 -14.51 -36.68
C ILE B 258 34.95 -13.50 -37.42
N ARG B 259 34.31 -12.52 -38.05
CA ARG B 259 35.00 -11.54 -38.87
C ARG B 259 35.45 -10.31 -38.09
N GLU B 260 35.19 -10.25 -36.79
CA GLU B 260 35.60 -9.13 -35.97
C GLU B 260 36.93 -9.36 -35.25
N ASP B 261 37.23 -10.59 -34.86
CA ASP B 261 38.50 -10.92 -34.24
C ASP B 261 39.34 -11.88 -35.08
N ASN B 262 38.72 -12.67 -35.94
CA ASN B 262 39.38 -13.60 -36.85
C ASN B 262 40.16 -14.68 -36.12
N GLN B 263 39.85 -14.91 -34.84
CA GLN B 263 40.50 -15.95 -34.05
C GLN B 263 39.52 -16.97 -33.50
N THR B 264 38.43 -16.50 -32.87
CA THR B 264 37.49 -17.41 -32.24
C THR B 264 36.53 -18.02 -33.27
N ASN B 265 36.14 -19.26 -33.02
CA ASN B 265 35.18 -19.93 -33.88
C ASN B 265 33.81 -19.28 -33.78
N ARG B 266 33.05 -19.34 -34.87
CA ARG B 266 31.68 -18.83 -34.85
C ARG B 266 30.83 -19.61 -33.86
N LEU B 267 30.97 -20.94 -33.84
CA LEU B 267 30.20 -21.75 -32.91
C LEU B 267 30.59 -21.47 -31.46
N GLN B 268 31.89 -21.28 -31.21
CA GLN B 268 32.32 -20.95 -29.85
C GLN B 268 31.78 -19.60 -29.41
N GLU B 269 31.79 -18.62 -30.33
CA GLU B 269 31.21 -17.32 -30.02
C GLU B 269 29.72 -17.43 -29.74
N ALA B 270 29.01 -18.26 -30.51
CA ALA B 270 27.58 -18.46 -30.26
C ALA B 270 27.35 -19.12 -28.92
N LEU B 271 28.19 -20.09 -28.55
CA LEU B 271 28.07 -20.73 -27.25
C LEU B 271 28.29 -19.74 -26.12
N ASN B 272 29.30 -18.87 -26.26
CA ASN B 272 29.54 -17.84 -25.25
C ASN B 272 28.35 -16.87 -25.16
N LEU B 273 27.78 -16.51 -26.31
CA LEU B 273 26.61 -15.64 -26.30
C LEU B 273 25.44 -16.30 -25.60
N PHE B 274 25.23 -17.60 -25.85
CA PHE B 274 24.14 -18.30 -25.18
C PHE B 274 24.39 -18.42 -23.68
N LYS B 275 25.65 -18.61 -23.28
CA LYS B 275 25.98 -18.63 -21.87
C LYS B 275 25.68 -17.28 -21.22
N SER B 276 26.01 -16.19 -21.90
CA SER B 276 25.71 -14.86 -21.38
C SER B 276 24.21 -14.62 -21.28
N ILE B 277 23.45 -15.06 -22.28
CA ILE B 277 22.01 -14.84 -22.26
C ILE B 277 21.33 -15.68 -21.18
N TRP B 278 21.77 -16.94 -21.03
CA TRP B 278 21.12 -17.85 -20.09
C TRP B 278 21.28 -17.39 -18.65
N ASN B 279 22.47 -16.89 -18.30
CA ASN B 279 22.75 -16.46 -16.94
C ASN B 279 22.54 -14.97 -16.72
N ASN B 280 21.93 -14.29 -17.68
CA ASN B 280 21.67 -12.86 -17.55
C ASN B 280 20.77 -12.61 -16.35
N ARG B 281 21.14 -11.63 -15.52
CA ARG B 281 20.37 -11.32 -14.32
C ARG B 281 18.99 -10.77 -14.64
N TRP B 282 18.79 -10.17 -15.81
CA TRP B 282 17.52 -9.59 -16.19
C TRP B 282 16.68 -10.54 -17.02
N LEU B 283 17.14 -11.76 -17.24
CA LEU B 283 16.39 -12.78 -17.96
C LEU B 283 16.30 -14.06 -17.13
N ARG B 284 16.04 -13.90 -15.83
CA ARG B 284 15.98 -15.06 -14.94
C ARG B 284 14.82 -15.97 -15.31
N THR B 285 13.65 -15.39 -15.59
CA THR B 285 12.47 -16.16 -16.00
C THR B 285 11.99 -15.62 -17.34
N ILE B 286 12.62 -16.11 -18.42
CA ILE B 286 12.19 -15.77 -19.77
C ILE B 286 12.00 -16.98 -20.66
N SER B 287 12.66 -18.11 -20.39
CA SER B 287 12.39 -19.39 -21.08
C SER B 287 12.66 -19.26 -22.58
N VAL B 288 13.95 -19.09 -22.90
CA VAL B 288 14.37 -18.95 -24.28
C VAL B 288 13.99 -20.19 -25.09
N ILE B 289 13.87 -19.99 -26.40
CA ILE B 289 13.64 -21.06 -27.37
C ILE B 289 14.81 -21.08 -28.33
N LEU B 290 15.35 -22.26 -28.59
CA LEU B 290 16.56 -22.41 -29.39
C LEU B 290 16.19 -22.81 -30.82
N PHE B 291 16.76 -22.11 -31.80
CA PHE B 291 16.46 -22.31 -33.22
C PHE B 291 17.79 -22.57 -33.94
N LEU B 292 18.19 -23.84 -34.04
CA LEU B 292 19.36 -24.16 -34.83
C LEU B 292 19.05 -23.95 -36.31
N ASN B 293 19.93 -23.23 -36.99
CA ASN B 293 19.72 -22.86 -38.39
C ASN B 293 20.82 -23.43 -39.26
N LYS B 294 20.65 -23.25 -40.57
CA LYS B 294 21.61 -23.72 -41.57
C LYS B 294 21.87 -25.21 -41.44
N GLN B 295 20.78 -25.98 -41.26
CA GLN B 295 20.92 -27.43 -41.12
C GLN B 295 21.36 -28.06 -42.44
N ASP B 296 20.83 -27.57 -43.56
CA ASP B 296 21.21 -28.12 -44.86
C ASP B 296 22.69 -27.90 -45.15
N LEU B 297 23.20 -26.71 -44.81
CA LEU B 297 24.62 -26.42 -45.01
C LEU B 297 25.48 -27.34 -44.16
N LEU B 298 25.07 -27.58 -42.91
CA LEU B 298 25.80 -28.50 -42.05
C LEU B 298 25.80 -29.91 -42.63
N ALA B 299 24.65 -30.36 -43.13
CA ALA B 299 24.57 -31.69 -43.72
C ALA B 299 25.47 -31.79 -44.95
N GLU B 300 25.47 -30.77 -45.80
CA GLU B 300 26.33 -30.79 -46.98
C GLU B 300 27.81 -30.81 -46.60
N LYS B 301 28.20 -29.98 -45.62
CA LYS B 301 29.59 -29.93 -45.20
C LYS B 301 30.03 -31.26 -44.60
N VAL B 302 29.18 -31.88 -43.79
CA VAL B 302 29.56 -33.15 -43.19
C VAL B 302 29.51 -34.30 -44.19
N LEU B 303 28.71 -34.16 -45.26
CA LEU B 303 28.68 -35.18 -46.29
C LEU B 303 29.89 -35.08 -47.22
N ALA B 304 30.38 -33.86 -47.47
CA ALA B 304 31.55 -33.71 -48.32
C ALA B 304 32.78 -34.37 -47.70
N GLY B 305 32.97 -34.20 -46.39
CA GLY B 305 34.09 -34.79 -45.70
C GLY B 305 35.36 -33.97 -45.70
N LYS B 306 35.37 -32.83 -46.39
CA LYS B 306 36.57 -31.98 -46.40
C LYS B 306 36.88 -31.44 -45.01
N SER B 307 35.86 -31.01 -44.28
CA SER B 307 36.00 -30.49 -42.93
C SER B 307 35.09 -31.27 -41.99
N LYS B 308 35.59 -31.53 -40.78
CA LYS B 308 34.87 -32.32 -39.80
C LYS B 308 34.72 -31.55 -38.50
N ILE B 309 33.65 -31.88 -37.76
CA ILE B 309 33.42 -31.25 -36.45
C ILE B 309 34.53 -31.62 -35.47
N GLU B 310 35.03 -32.86 -35.57
CA GLU B 310 36.11 -33.29 -34.69
C GLU B 310 37.36 -32.44 -34.89
N ASP B 311 37.58 -31.93 -36.11
CA ASP B 311 38.78 -31.15 -36.38
C ASP B 311 38.80 -29.84 -35.59
N TYR B 312 37.66 -29.37 -35.11
CA TYR B 312 37.59 -28.16 -34.30
C TYR B 312 37.00 -28.39 -32.92
N PHE B 313 36.54 -29.61 -32.62
CA PHE B 313 36.03 -29.96 -31.32
C PHE B 313 36.42 -31.40 -31.00
N PRO B 314 37.40 -31.62 -30.12
CA PRO B 314 37.87 -32.99 -29.86
C PRO B 314 36.80 -33.91 -29.32
N GLU B 315 35.84 -33.39 -28.55
CA GLU B 315 34.83 -34.24 -27.92
C GLU B 315 33.91 -34.90 -28.95
N PHE B 316 33.80 -34.35 -30.15
CA PHE B 316 32.85 -34.87 -31.13
C PHE B 316 33.16 -36.31 -31.51
N ALA B 317 34.45 -36.64 -31.65
CA ALA B 317 34.82 -37.99 -32.08
C ALA B 317 34.35 -39.04 -31.09
N ARG B 318 34.52 -38.78 -29.79
CA ARG B 318 34.07 -39.73 -28.77
C ARG B 318 32.56 -39.71 -28.60
N TYR B 319 31.90 -38.63 -28.98
CA TYR B 319 30.46 -38.50 -28.81
C TYR B 319 29.71 -39.53 -29.65
N THR B 320 28.59 -40.00 -29.10
CA THR B 320 27.75 -41.00 -29.75
C THR B 320 26.32 -40.47 -29.85
N THR B 321 25.60 -40.98 -30.85
CA THR B 321 24.23 -40.54 -31.07
C THR B 321 23.34 -40.95 -29.91
N PRO B 322 22.53 -40.05 -29.36
CA PRO B 322 21.64 -40.41 -28.25
C PRO B 322 20.56 -41.38 -28.71
N GLU B 323 20.00 -42.09 -27.73
CA GLU B 323 18.96 -43.07 -28.02
C GLU B 323 17.73 -42.40 -28.63
N ASP B 324 17.32 -41.26 -28.07
CA ASP B 324 16.18 -40.53 -28.61
C ASP B 324 16.62 -39.72 -29.82
N ALA B 325 15.88 -39.86 -30.92
CA ALA B 325 16.25 -39.19 -32.16
C ALA B 325 15.02 -39.05 -33.04
N THR B 326 15.11 -38.15 -34.02
CA THR B 326 14.05 -37.98 -35.01
C THR B 326 14.34 -38.86 -36.21
N PRO B 327 13.51 -39.85 -36.50
CA PRO B 327 13.78 -40.78 -37.62
C PRO B 327 13.33 -40.22 -38.97
N GLU B 328 14.07 -39.24 -39.47
CA GLU B 328 13.78 -38.69 -40.79
C GLU B 328 14.13 -39.72 -41.86
N PRO B 329 13.20 -40.02 -42.79
CA PRO B 329 13.52 -41.02 -43.83
C PRO B 329 14.73 -40.65 -44.66
N GLY B 330 14.89 -39.37 -45.01
CA GLY B 330 16.05 -38.93 -45.75
C GLY B 330 17.16 -38.41 -44.86
N GLU B 331 17.68 -39.28 -43.99
CA GLU B 331 18.65 -38.87 -42.99
C GLU B 331 19.78 -39.89 -42.92
N ASP B 332 20.98 -39.41 -42.62
CA ASP B 332 22.19 -40.21 -42.47
C ASP B 332 22.64 -40.22 -41.01
N PRO B 333 23.34 -41.26 -40.57
CA PRO B 333 23.86 -41.25 -39.20
C PRO B 333 24.81 -40.10 -38.91
N ARG B 334 25.58 -39.66 -39.91
CA ARG B 334 26.56 -38.60 -39.68
C ARG B 334 25.89 -37.27 -39.38
N VAL B 335 24.89 -36.88 -40.17
CA VAL B 335 24.22 -35.61 -39.93
C VAL B 335 23.50 -35.65 -38.60
N THR B 336 22.92 -36.80 -38.24
CA THR B 336 22.23 -36.92 -36.97
C THR B 336 23.21 -36.78 -35.80
N ARG B 337 24.36 -37.45 -35.89
CA ARG B 337 25.32 -37.35 -34.79
C ARG B 337 25.86 -35.92 -34.67
N ALA B 338 26.05 -35.24 -35.80
CA ALA B 338 26.52 -33.85 -35.74
C ALA B 338 25.48 -32.93 -35.10
N LYS B 339 24.25 -32.99 -35.59
CA LYS B 339 23.21 -32.11 -35.06
C LYS B 339 22.94 -32.40 -33.60
N TYR B 340 22.99 -33.68 -33.21
CA TYR B 340 22.73 -34.02 -31.81
C TYR B 340 23.92 -33.65 -30.93
N PHE B 341 25.14 -33.69 -31.46
CA PHE B 341 26.28 -33.19 -30.68
C PHE B 341 26.14 -31.70 -30.40
N ILE B 342 25.76 -30.92 -31.43
CA ILE B 342 25.58 -29.49 -31.21
C ILE B 342 24.45 -29.23 -30.22
N ARG B 343 23.32 -29.93 -30.41
CA ARG B 343 22.18 -29.73 -29.53
C ARG B 343 22.52 -30.14 -28.10
N ASP B 344 23.29 -31.22 -27.94
CA ASP B 344 23.67 -31.67 -26.60
C ASP B 344 24.60 -30.68 -25.93
N GLU B 345 25.49 -30.05 -26.71
CA GLU B 345 26.32 -28.99 -26.15
C GLU B 345 25.46 -27.85 -25.62
N PHE B 346 24.48 -27.43 -26.42
CA PHE B 346 23.63 -26.32 -25.98
C PHE B 346 22.77 -26.71 -24.78
N LEU B 347 22.20 -27.92 -24.77
CA LEU B 347 21.43 -28.34 -23.62
C LEU B 347 22.31 -28.52 -22.38
N ARG B 348 23.56 -28.92 -22.55
CA ARG B 348 24.46 -29.01 -21.40
C ARG B 348 24.71 -27.63 -20.81
N ILE B 349 25.03 -26.64 -21.65
CA ILE B 349 25.31 -25.32 -21.11
C ILE B 349 24.04 -24.71 -20.51
N SER B 350 22.86 -25.07 -21.03
CA SER B 350 21.62 -24.57 -20.44
C SER B 350 21.30 -25.26 -19.11
N THR B 351 21.50 -26.57 -19.04
CA THR B 351 21.09 -27.35 -17.88
C THR B 351 22.05 -27.20 -16.72
N ALA B 352 23.33 -26.93 -16.98
CA ALA B 352 24.29 -26.75 -15.89
C ALA B 352 23.85 -25.65 -14.95
N SER B 353 23.18 -24.62 -15.47
CA SER B 353 22.67 -23.51 -14.66
C SER B 353 21.16 -23.55 -14.48
N GLY B 354 20.50 -24.64 -14.89
CA GLY B 354 19.06 -24.75 -14.79
C GLY B 354 18.51 -24.69 -13.38
N ASP B 355 17.49 -23.86 -13.15
CA ASP B 355 16.87 -23.75 -11.84
C ASP B 355 15.42 -24.18 -11.82
N GLY B 356 14.81 -24.46 -12.98
CA GLY B 356 13.40 -24.71 -13.06
C GLY B 356 12.55 -23.47 -13.27
N ARG B 357 13.14 -22.28 -13.22
CA ARG B 357 12.38 -21.07 -13.49
C ARG B 357 12.11 -20.87 -14.97
N HIS B 358 13.06 -21.24 -15.83
CA HIS B 358 12.93 -21.08 -17.26
C HIS B 358 13.46 -22.33 -17.97
N TYR B 359 12.93 -22.59 -19.16
CA TYR B 359 13.22 -23.81 -19.90
C TYR B 359 13.58 -23.48 -21.34
N CYS B 360 14.28 -24.42 -21.97
CA CYS B 360 14.73 -24.29 -23.35
C CYS B 360 14.21 -25.46 -24.18
N TYR B 361 13.73 -25.16 -25.39
CA TYR B 361 13.20 -26.16 -26.31
C TYR B 361 13.95 -26.08 -27.63
N PRO B 362 14.97 -26.90 -27.84
CA PRO B 362 15.73 -26.84 -29.09
C PRO B 362 14.91 -27.33 -30.27
N HIS B 363 15.06 -26.63 -31.41
CA HIS B 363 14.44 -27.00 -32.66
C HIS B 363 15.46 -26.96 -33.78
N PHE B 364 15.33 -27.88 -34.72
CA PHE B 364 16.15 -27.89 -35.92
C PHE B 364 15.40 -27.22 -37.05
N THR B 365 16.01 -26.19 -37.64
CA THR B 365 15.31 -25.34 -38.60
C THR B 365 16.21 -25.07 -39.80
N CYS B 366 15.61 -25.03 -40.99
CA CYS B 366 16.25 -24.59 -42.21
C CYS B 366 15.48 -23.38 -42.72
N ALA B 367 16.08 -22.19 -42.58
CA ALA B 367 15.37 -20.96 -42.87
C ALA B 367 15.10 -20.74 -44.36
N VAL B 368 15.76 -21.49 -45.24
CA VAL B 368 15.57 -21.29 -46.67
C VAL B 368 14.21 -21.82 -47.11
N ASP B 369 13.92 -23.08 -46.83
CA ASP B 369 12.65 -23.67 -47.21
C ASP B 369 11.55 -23.19 -46.27
N THR B 370 10.35 -23.06 -46.82
CA THR B 370 9.22 -22.54 -46.06
C THR B 370 8.45 -23.60 -45.28
N GLU B 371 8.53 -24.87 -45.69
CA GLU B 371 7.79 -25.91 -45.00
C GLU B 371 8.37 -26.18 -43.61
N ASN B 372 9.70 -26.29 -43.51
CA ASN B 372 10.32 -26.43 -42.20
C ASN B 372 10.02 -25.21 -41.34
N ILE B 373 10.06 -24.01 -41.94
CA ILE B 373 9.78 -22.79 -41.18
C ILE B 373 8.36 -22.82 -40.63
N ARG B 374 7.38 -23.19 -41.46
CA ARG B 374 6.00 -23.17 -40.99
C ARG B 374 5.74 -24.26 -39.95
N ARG B 375 6.35 -25.44 -40.11
CA ARG B 375 6.17 -26.49 -39.12
C ARG B 375 6.77 -26.09 -37.78
N VAL B 376 8.02 -25.61 -37.78
CA VAL B 376 8.66 -25.20 -36.54
C VAL B 376 7.93 -24.01 -35.93
N PHE B 377 7.39 -23.11 -36.77
CA PHE B 377 6.65 -21.99 -36.24
C PHE B 377 5.34 -22.42 -35.60
N ASN B 378 4.66 -23.43 -36.17
CA ASN B 378 3.46 -23.94 -35.55
C ASN B 378 3.76 -24.58 -34.19
N ASP B 379 4.83 -25.38 -34.12
CA ASP B 379 5.21 -25.98 -32.85
C ASP B 379 5.56 -24.91 -31.82
N CYS B 380 6.34 -23.91 -32.23
CA CYS B 380 6.72 -22.85 -31.31
C CYS B 380 5.52 -22.01 -30.91
N ARG B 381 4.53 -21.85 -31.79
CA ARG B 381 3.31 -21.13 -31.43
C ARG B 381 2.53 -21.88 -30.37
N ASP B 382 2.47 -23.21 -30.49
CA ASP B 382 1.86 -24.01 -29.41
C ASP B 382 2.62 -23.80 -28.10
N ILE B 383 3.96 -23.79 -28.17
CA ILE B 383 4.75 -23.59 -26.97
C ILE B 383 4.47 -22.22 -26.35
N ILE B 384 4.42 -21.18 -27.18
CA ILE B 384 4.19 -19.83 -26.66
C ILE B 384 2.79 -19.69 -26.08
N GLN B 385 1.81 -20.36 -26.68
CA GLN B 385 0.47 -20.32 -26.10
C GLN B 385 0.43 -21.00 -24.74
N ARG B 386 1.04 -22.19 -24.63
CA ARG B 386 1.12 -22.86 -23.33
C ARG B 386 1.88 -22.01 -22.33
N MET B 387 2.85 -21.23 -22.81
CA MET B 387 3.70 -20.44 -21.92
C MET B 387 2.96 -19.20 -21.43
N HIS B 388 2.22 -18.54 -22.32
CA HIS B 388 1.33 -17.45 -21.95
C HIS B 388 0.21 -17.91 -21.04
N LEU B 389 -0.15 -19.19 -21.10
CA LEU B 389 -1.10 -19.74 -20.13
C LEU B 389 -0.62 -19.52 -18.70
N ARG B 390 0.69 -19.47 -18.49
CA ARG B 390 1.30 -19.19 -17.19
C ARG B 390 0.82 -20.20 -16.13
N GLN B 391 1.18 -21.46 -16.37
CA GLN B 391 0.84 -22.54 -15.46
C GLN B 391 1.44 -22.34 -14.08
C1 FOK C . 20.03 16.68 -16.07
O2 FOK C . 19.66 15.64 -15.16
C2 FOK C . 19.96 18.01 -15.33
C3 FOK C . 20.98 18.07 -14.21
C4 FOK C . 22.42 17.83 -14.68
C5 FOK C . 22.46 16.54 -15.54
C6 FOK C . 23.87 16.16 -16.01
O3 FOK C . 24.35 17.12 -16.96
C7 FOK C . 23.93 14.80 -16.67
O4 FOK C . 25.27 14.63 -17.21
C8 FOK C . 22.93 14.66 -17.83
O1 FOK C . 22.96 13.30 -18.30
C9 FOK C . 21.51 15.01 -17.35
O6 FOK C . 21.13 14.04 -16.36
C10 FOK C . 21.42 16.42 -16.70
C11 FOK C . 20.53 14.83 -18.54
O7 FOK C . 19.48 15.44 -18.61
C12 FOK C . 20.96 13.83 -19.58
C13 FOK C . 21.84 12.74 -19.00
C14 FOK C . 21.07 11.89 -18.02
C15 FOK C . 21.55 10.93 -17.27
C16 FOK C . 22.40 11.83 -20.10
C17 FOK C . 23.37 15.59 -18.96
C18 FOK C . 23.34 17.74 -13.45
C19 FOK C . 22.87 19.06 -15.49
C20 FOK C . 21.63 17.51 -17.77
C21 FOK C . 26.21 14.11 -16.39
O5 FOK C . 26.08 14.01 -15.21
C22 FOK C . 27.41 13.71 -17.17
PG GSP D . 23.49 -10.09 -38.71
O3B GSP D . 23.12 -11.16 -39.85
S1G GSP D . 25.03 -9.43 -39.03
O2G GSP D . 22.44 -8.97 -38.68
O3G GSP D . 23.52 -10.80 -37.34
PB GSP D . 21.82 -12.09 -39.65
O1B GSP D . 21.90 -12.75 -38.32
O2B GSP D . 20.57 -11.32 -39.81
PA GSP D . 21.14 -13.07 -42.18
O1A GSP D . 19.69 -13.13 -41.91
O2A GSP D . 21.49 -11.84 -42.90
O3A GSP D . 21.96 -13.21 -40.80
O5' GSP D . 21.59 -14.38 -43.00
C5' GSP D . 22.82 -14.39 -43.70
C4' GSP D . 22.67 -15.08 -45.04
O4' GSP D . 22.67 -16.49 -44.86
C3' GSP D . 21.37 -14.71 -45.73
O3' GSP D . 21.66 -14.16 -47.00
C2' GSP D . 20.62 -16.01 -45.91
O2' GSP D . 20.16 -16.13 -47.23
C1' GSP D . 21.64 -17.09 -45.62
N9 GSP D . 21.02 -18.21 -44.89
C8 GSP D . 20.32 -18.13 -43.71
N7 GSP D . 19.91 -19.38 -43.37
C5 GSP D . 20.35 -20.25 -44.32
C6 GSP D . 20.22 -21.62 -44.45
O6 GSP D . 19.61 -22.27 -43.61
N1 GSP D . 20.78 -22.26 -45.54
C2 GSP D . 21.46 -21.51 -46.48
N2 GSP D . 22.01 -22.12 -47.53
N3 GSP D . 21.59 -20.15 -46.34
C4 GSP D . 21.04 -19.52 -45.27
MG MG E . 20.63 -9.45 -39.45
#